data_2Q28
#
_entry.id   2Q28
#
_cell.length_a   132.270
_cell.length_b   143.620
_cell.length_c   147.580
_cell.angle_alpha   90.000
_cell.angle_beta   90.000
_cell.angle_gamma   90.000
#
_symmetry.space_group_name_H-M   'C 2 2 21'
#
loop_
_entity.id
_entity.type
_entity.pdbx_description
1 polymer 'oxalyl-CoA decarboxylase'
2 non-polymer 'MAGNESIUM ION'
3 non-polymer 'SULFATE ION'
4 non-polymer 'THIAMINE DIPHOSPHATE'
5 non-polymer "ADENOSINE-5'-DIPHOSPHATE"
6 non-polymer '2-(N-MORPHOLINO)-ETHANESULFONIC ACID'
7 non-polymer 1,2-ETHANEDIOL
8 water water
#
_entity_poly.entity_id   1
_entity_poly.type   'polypeptide(L)'
_entity_poly.pdbx_seq_one_letter_code
;MSDQLQMTDGMHIIVEALKQNNIDTIYGVVGIPVTDMARHAQAEGIRYIGFRHEQSAGYAAAASGFLTQKPGICLTVSAP
GFLNGLTALANATVNGFPMIMISGSSDRAIVDLQQGDYEELDQMNAAKPYAKAAFRVNQPQDLGIALARAIRVSVSGRPG
GVYLDLPANVLAATMEKDEALTTIVKVENPSPALLPCPKSVTSAISLLAKAERPLIILGKGAAYSQADEQLREFIESAQI
PFLPMSMAKGILEDTHPLSAAAARSFALANADVVMLVGARLNWLLAHGKKGWAADTQFIQLDIEPQEIDSNRPIAVPVVG
DIASSMQGMLAELKQNTFTTPLVWRDILNIHKQQNAQKMHEKLSTDTQPLNYFNALSAVRDVLRENQDIYLVNEGANTLD
NARNIIDMYKPRRRLDCGTWGVMGIGMGYAIGASVTSGSPVVAIEGDSAFGFSGMEIETICRYNLPVTIVIFNNGGIYRG
DGVDLSGAGAPSPTDLLHHARYDKLMDAFRGVGYNVTTTDELRHALTTGIQSRKPTIINVVIDPAAGTESGHITKLNPKQ
VAGN
;
_entity_poly.pdbx_strand_id   A,B
#
# COMPACT_ATOMS: atom_id res chain seq x y z
N LEU A 5 -20.22 17.64 36.36
CA LEU A 5 -19.25 17.42 35.24
C LEU A 5 -19.82 16.45 34.18
N GLN A 6 -19.92 16.93 32.96
CA GLN A 6 -20.60 16.21 31.90
C GLN A 6 -19.71 15.08 31.36
N MET A 7 -20.27 13.87 31.33
CA MET A 7 -19.57 12.72 30.77
C MET A 7 -20.19 12.36 29.41
N THR A 8 -19.39 11.70 28.58
CA THR A 8 -19.92 11.15 27.33
C THR A 8 -19.43 9.71 27.22
N ASP A 9 -19.75 9.03 26.13
CA ASP A 9 -19.23 7.66 25.96
C ASP A 9 -18.73 7.44 24.54
N GLY A 10 -18.08 6.30 24.33
CA GLY A 10 -17.51 6.02 23.02
C GLY A 10 -18.51 6.09 21.89
N MET A 11 -19.74 5.62 22.12
CA MET A 11 -20.74 5.66 21.05
C MET A 11 -21.02 7.12 20.64
N HIS A 12 -21.17 8.01 21.62
CA HIS A 12 -21.38 9.42 21.31
C HIS A 12 -20.18 10.02 20.59
N ILE A 13 -18.97 9.63 21.00
CA ILE A 13 -17.77 10.18 20.40
C ILE A 13 -17.67 9.79 18.91
N ILE A 14 -17.90 8.51 18.60
CA ILE A 14 -17.72 8.10 17.19
C ILE A 14 -18.78 8.78 16.31
N VAL A 15 -19.99 8.95 16.84
CA VAL A 15 -21.05 9.63 16.09
C VAL A 15 -20.67 11.10 15.80
N GLU A 16 -20.19 11.78 16.82
CA GLU A 16 -19.69 13.16 16.64
C GLU A 16 -18.52 13.22 15.65
N ALA A 17 -17.63 12.23 15.70
CA ALA A 17 -16.51 12.13 14.75
C ALA A 17 -17.00 11.96 13.30
N LEU A 18 -18.02 11.13 13.11
CA LEU A 18 -18.60 10.94 11.78
C LEU A 18 -19.24 12.24 11.30
N LYS A 19 -19.96 12.91 12.19
CA LYS A 19 -20.66 14.16 11.87
C LYS A 19 -19.67 15.24 11.48
N GLN A 20 -18.61 15.40 12.28
CA GLN A 20 -17.59 16.39 11.95
C GLN A 20 -16.89 16.12 10.62
N ASN A 21 -16.87 14.85 10.20
CA ASN A 21 -16.27 14.49 8.92
C ASN A 21 -17.25 14.40 7.76
N ASN A 22 -18.39 15.04 7.93
CA ASN A 22 -19.39 15.20 6.89
C ASN A 22 -19.94 13.88 6.39
N ILE A 23 -20.02 12.91 7.29
CA ILE A 23 -20.79 11.70 7.00
C ILE A 23 -22.26 12.01 7.14
N ASP A 24 -23.01 11.85 6.05
CA ASP A 24 -24.43 12.17 5.94
C ASP A 24 -25.33 10.93 6.03
N THR A 25 -24.75 9.76 5.75
CA THR A 25 -25.50 8.54 5.59
C THR A 25 -24.71 7.36 6.12
N ILE A 26 -25.42 6.44 6.79
CA ILE A 26 -24.83 5.16 7.21
C ILE A 26 -25.73 4.06 6.66
N TYR A 27 -25.12 3.07 6.01
CA TYR A 27 -25.85 1.90 5.47
C TYR A 27 -25.49 0.72 6.36
N GLY A 28 -26.49 -0.02 6.84
CA GLY A 28 -26.18 -1.06 7.80
C GLY A 28 -27.28 -2.05 8.12
N VAL A 29 -26.96 -2.91 9.09
CA VAL A 29 -27.92 -3.79 9.75
C VAL A 29 -27.51 -3.81 11.22
N VAL A 30 -28.47 -3.54 12.09
CA VAL A 30 -28.14 -3.43 13.52
C VAL A 30 -28.38 -4.75 14.29
N GLY A 31 -28.33 -4.65 15.61
CA GLY A 31 -28.22 -5.80 16.50
C GLY A 31 -27.12 -5.45 17.50
N ILE A 32 -26.88 -6.34 18.45
CA ILE A 32 -25.84 -6.10 19.47
C ILE A 32 -24.49 -6.04 18.75
N PRO A 33 -23.62 -5.08 19.12
CA PRO A 33 -23.73 -3.99 20.08
C PRO A 33 -23.92 -2.59 19.46
N VAL A 34 -24.52 -2.51 18.27
CA VAL A 34 -24.48 -1.25 17.50
C VAL A 34 -25.84 -0.59 17.30
N THR A 35 -26.89 -1.21 17.84
CA THR A 35 -28.24 -0.65 17.69
C THR A 35 -28.33 0.79 18.22
N ASP A 36 -27.87 1.01 19.45
CA ASP A 36 -27.86 2.36 20.05
C ASP A 36 -27.04 3.34 19.22
N MET A 37 -25.89 2.91 18.72
CA MET A 37 -25.09 3.77 17.85
C MET A 37 -25.90 4.25 16.66
N ALA A 38 -26.62 3.33 16.00
CA ALA A 38 -27.45 3.71 14.84
C ALA A 38 -28.57 4.68 15.22
N ARG A 39 -29.28 4.36 16.30
CA ARG A 39 -30.34 5.26 16.79
C ARG A 39 -29.83 6.67 17.04
N HIS A 40 -28.65 6.77 17.66
CA HIS A 40 -28.08 8.05 18.01
C HIS A 40 -27.53 8.80 16.79
N ALA A 41 -26.89 8.07 15.88
CA ALA A 41 -26.45 8.68 14.62
C ALA A 41 -27.66 9.30 13.93
N GLN A 42 -28.76 8.57 13.90
CA GLN A 42 -29.99 9.06 13.28
C GLN A 42 -30.55 10.27 14.08
N ALA A 43 -30.52 10.20 15.41
CA ALA A 43 -30.91 11.34 16.25
C ALA A 43 -30.10 12.60 15.90
N GLU A 44 -28.81 12.41 15.59
CA GLU A 44 -27.90 13.52 15.28
C GLU A 44 -27.98 14.00 13.81
N GLY A 45 -28.92 13.46 13.05
CA GLY A 45 -29.18 13.93 11.68
C GLY A 45 -28.49 13.17 10.56
N ILE A 46 -27.76 12.11 10.91
CA ILE A 46 -27.23 11.20 9.90
C ILE A 46 -28.39 10.34 9.37
N ARG A 47 -28.48 10.19 8.06
CA ARG A 47 -29.51 9.33 7.49
C ARG A 47 -29.12 7.86 7.67
N TYR A 48 -30.01 7.07 8.28
CA TYR A 48 -29.73 5.64 8.47
C TYR A 48 -30.54 4.82 7.49
N ILE A 49 -29.84 3.99 6.72
CA ILE A 49 -30.49 3.06 5.78
C ILE A 49 -30.24 1.63 6.21
N GLY A 50 -31.30 0.97 6.69
CA GLY A 50 -31.19 -0.41 7.18
C GLY A 50 -31.50 -1.45 6.10
N PHE A 51 -30.67 -2.50 6.00
CA PHE A 51 -30.81 -3.47 4.93
C PHE A 51 -31.35 -4.81 5.40
N ARG A 52 -31.60 -5.70 4.44
CA ARG A 52 -32.04 -7.06 4.80
C ARG A 52 -30.86 -8.02 4.94
N HIS A 53 -29.70 -7.60 4.44
CA HIS A 53 -28.46 -8.41 4.52
C HIS A 53 -27.28 -7.44 4.49
N GLU A 54 -26.22 -7.67 5.29
CA GLU A 54 -25.10 -6.74 5.33
C GLU A 54 -24.34 -6.59 4.01
N GLN A 55 -24.36 -7.63 3.17
CA GLN A 55 -23.63 -7.56 1.91
C GLN A 55 -24.18 -6.42 1.06
N SER A 56 -25.51 -6.28 1.02
CA SER A 56 -26.07 -5.16 0.27
C SER A 56 -25.75 -3.80 0.89
N ALA A 57 -25.67 -3.75 2.24
CA ALA A 57 -25.31 -2.50 2.93
C ALA A 57 -23.91 -2.09 2.50
N GLY A 58 -23.02 -3.09 2.42
CA GLY A 58 -21.62 -2.84 2.03
C GLY A 58 -21.49 -2.41 0.57
N TYR A 59 -22.29 -3.01 -0.32
CA TYR A 59 -22.30 -2.63 -1.72
C TYR A 59 -22.84 -1.20 -1.85
N ALA A 60 -23.87 -0.86 -1.09
CA ALA A 60 -24.40 0.51 -1.15
C ALA A 60 -23.34 1.52 -0.73
N ALA A 61 -22.61 1.20 0.35
CA ALA A 61 -21.54 2.09 0.83
C ALA A 61 -20.48 2.26 -0.23
N ALA A 62 -20.03 1.16 -0.82
CA ALA A 62 -19.00 1.22 -1.87
C ALA A 62 -19.44 2.07 -3.06
N ALA A 63 -20.70 1.90 -3.50
CA ALA A 63 -21.23 2.69 -4.60
C ALA A 63 -21.20 4.18 -4.28
N SER A 64 -21.64 4.54 -3.06
CA SER A 64 -21.59 5.94 -2.60
C SER A 64 -20.19 6.48 -2.72
N GLY A 65 -19.21 5.66 -2.32
CA GLY A 65 -17.78 6.03 -2.39
C GLY A 65 -17.30 6.30 -3.80
N PHE A 66 -17.62 5.38 -4.72
CA PHE A 66 -17.27 5.56 -6.14
C PHE A 66 -17.87 6.84 -6.71
N LEU A 67 -19.12 7.12 -6.36
CA LEU A 67 -19.80 8.29 -6.92
C LEU A 67 -19.27 9.63 -6.40
N THR A 68 -18.67 9.64 -5.21
CA THR A 68 -18.42 10.92 -4.49
C THR A 68 -16.99 11.18 -4.05
N GLN A 69 -16.17 10.14 -4.03
CA GLN A 69 -14.80 10.19 -3.43
C GLN A 69 -14.82 10.41 -1.92
N LYS A 70 -15.99 10.27 -1.30
CA LYS A 70 -16.11 10.27 0.14
C LYS A 70 -16.45 8.82 0.55
N PRO A 71 -15.72 8.26 1.52
CA PRO A 71 -15.92 6.84 1.83
C PRO A 71 -17.34 6.60 2.29
N GLY A 72 -18.03 5.62 1.68
CA GLY A 72 -19.31 5.14 2.16
C GLY A 72 -19.09 4.44 3.51
N ILE A 73 -20.07 4.58 4.39
CA ILE A 73 -20.03 3.97 5.72
C ILE A 73 -21.01 2.82 5.82
N CYS A 74 -20.49 1.65 6.16
CA CYS A 74 -21.30 0.45 6.39
C CYS A 74 -21.17 0.05 7.86
N LEU A 75 -22.31 -0.17 8.52
CA LEU A 75 -22.32 -0.53 9.95
C LEU A 75 -22.86 -1.94 10.14
N THR A 76 -22.13 -2.77 10.85
CA THR A 76 -22.61 -4.13 11.12
C THR A 76 -22.40 -4.53 12.60
N VAL A 77 -23.00 -5.64 12.97
CA VAL A 77 -22.73 -6.26 14.25
C VAL A 77 -21.45 -7.09 14.22
N SER A 78 -21.29 -7.89 15.27
CA SER A 78 -20.13 -8.72 15.43
C SER A 78 -20.21 -9.97 14.52
N ALA A 79 -19.34 -10.95 14.76
CA ALA A 79 -19.02 -12.06 13.83
C ALA A 79 -19.99 -12.33 12.64
N PRO A 80 -21.22 -12.82 12.91
CA PRO A 80 -22.10 -13.22 11.79
C PRO A 80 -22.40 -12.08 10.81
N GLY A 81 -22.71 -10.89 11.33
CA GLY A 81 -23.00 -9.71 10.50
C GLY A 81 -21.75 -9.16 9.88
N PHE A 82 -20.69 -9.08 10.70
CA PHE A 82 -19.37 -8.73 10.21
C PHE A 82 -18.94 -9.53 8.98
N LEU A 83 -19.07 -10.85 9.04
CA LEU A 83 -18.60 -11.69 7.93
C LEU A 83 -19.40 -11.43 6.66
N ASN A 84 -20.71 -11.19 6.79
CA ASN A 84 -21.50 -10.84 5.62
C ASN A 84 -21.02 -9.52 5.02
N GLY A 85 -20.79 -8.53 5.87
CA GLY A 85 -20.29 -7.22 5.40
C GLY A 85 -18.90 -7.34 4.78
N LEU A 86 -18.07 -8.22 5.35
CA LEU A 86 -16.71 -8.41 4.86
C LEU A 86 -16.67 -8.79 3.39
N THR A 87 -17.64 -9.62 2.95
CA THR A 87 -17.72 -9.99 1.53
C THR A 87 -17.82 -8.75 0.63
N ALA A 88 -18.63 -7.77 1.07
CA ALA A 88 -18.74 -6.50 0.35
C ALA A 88 -17.50 -5.62 0.50
N LEU A 89 -16.89 -5.62 1.68
CA LEU A 89 -15.65 -4.86 1.88
C LEU A 89 -14.56 -5.35 0.92
N ALA A 90 -14.43 -6.67 0.79
CA ALA A 90 -13.53 -7.30 -0.18
C ALA A 90 -13.77 -6.78 -1.57
N ASN A 91 -15.04 -6.71 -1.98
CA ASN A 91 -15.36 -6.24 -3.31
C ASN A 91 -14.99 -4.79 -3.53
N ALA A 92 -15.22 -3.94 -2.53
CA ALA A 92 -14.81 -2.54 -2.62
C ALA A 92 -13.28 -2.45 -2.83
N THR A 93 -12.52 -3.23 -2.07
CA THR A 93 -11.05 -3.16 -2.18
C THR A 93 -10.55 -3.66 -3.55
N VAL A 94 -11.12 -4.75 -4.03
CA VAL A 94 -10.83 -5.24 -5.38
C VAL A 94 -11.12 -4.19 -6.49
N ASN A 95 -12.27 -3.52 -6.40
CA ASN A 95 -12.66 -2.52 -7.39
C ASN A 95 -12.00 -1.16 -7.22
N GLY A 96 -11.48 -0.89 -6.03
CA GLY A 96 -10.89 0.41 -5.74
C GLY A 96 -11.90 1.45 -5.31
N PHE A 97 -12.96 1.03 -4.62
CA PHE A 97 -14.01 1.95 -4.17
C PHE A 97 -13.80 2.29 -2.69
N PRO A 98 -13.82 3.58 -2.33
CA PRO A 98 -13.55 3.91 -0.93
C PRO A 98 -14.77 3.64 -0.01
N MET A 99 -14.53 2.95 1.10
CA MET A 99 -15.58 2.74 2.11
C MET A 99 -14.96 2.36 3.43
N ILE A 100 -15.71 2.57 4.52
CA ILE A 100 -15.25 2.10 5.83
C ILE A 100 -16.37 1.23 6.37
N MET A 101 -16.05 -0.01 6.68
CA MET A 101 -17.02 -0.84 7.35
C MET A 101 -16.68 -0.75 8.84
N ILE A 102 -17.66 -0.30 9.61
CA ILE A 102 -17.52 -0.18 11.05
C ILE A 102 -18.33 -1.34 11.64
N SER A 103 -17.68 -2.18 12.44
CA SER A 103 -18.39 -3.30 13.07
C SER A 103 -18.19 -3.31 14.56
N GLY A 104 -19.26 -3.56 15.29
CA GLY A 104 -19.14 -3.93 16.70
C GLY A 104 -18.37 -5.24 16.83
N SER A 105 -17.63 -5.42 17.93
CA SER A 105 -17.06 -6.72 18.22
C SER A 105 -17.28 -6.99 19.71
N SER A 106 -16.90 -8.19 20.15
CA SER A 106 -17.28 -8.68 21.47
C SER A 106 -16.16 -8.36 22.49
N ASP A 107 -15.94 -9.24 23.49
CA ASP A 107 -15.09 -8.92 24.64
C ASP A 107 -13.68 -9.34 24.30
N ARG A 108 -12.75 -8.39 24.18
CA ARG A 108 -11.38 -8.71 23.74
C ARG A 108 -10.73 -9.80 24.58
N ALA A 109 -11.04 -9.84 25.88
CA ALA A 109 -10.37 -10.80 26.77
C ALA A 109 -10.84 -12.21 26.47
N ILE A 110 -12.13 -12.37 26.25
CA ILE A 110 -12.73 -13.69 26.00
C ILE A 110 -12.34 -14.18 24.62
N VAL A 111 -12.45 -13.28 23.63
CA VAL A 111 -12.08 -13.62 22.25
C VAL A 111 -10.60 -13.97 22.15
N ASP A 112 -9.74 -13.21 22.83
CA ASP A 112 -8.29 -13.50 22.78
C ASP A 112 -7.94 -14.88 23.38
N LEU A 113 -8.79 -15.39 24.26
CA LEU A 113 -8.56 -16.70 24.87
C LEU A 113 -9.39 -17.82 24.20
N GLN A 114 -10.13 -17.44 23.16
CA GLN A 114 -10.95 -18.37 22.38
C GLN A 114 -11.85 -19.18 23.29
N GLN A 115 -12.53 -18.49 24.22
CA GLN A 115 -13.31 -19.19 25.24
C GLN A 115 -14.76 -19.34 24.81
N GLY A 116 -15.08 -18.87 23.60
CA GLY A 116 -16.48 -19.00 23.11
C GLY A 116 -17.36 -17.83 23.48
N ASP A 117 -16.85 -16.61 23.26
CA ASP A 117 -17.64 -15.41 23.48
C ASP A 117 -18.87 -15.41 22.53
N TYR A 118 -19.87 -14.59 22.89
CA TYR A 118 -20.94 -14.17 21.99
C TYR A 118 -20.29 -13.65 20.70
N GLU A 119 -20.66 -14.24 19.56
CA GLU A 119 -20.19 -13.80 18.23
C GLU A 119 -18.66 -13.61 18.21
N GLU A 120 -17.96 -14.67 18.60
CA GLU A 120 -16.52 -14.61 18.78
C GLU A 120 -15.78 -14.70 17.44
N LEU A 121 -14.95 -13.69 17.16
CA LEU A 121 -14.07 -13.72 16.00
C LEU A 121 -13.06 -12.58 16.17
N ASP A 122 -11.80 -12.84 15.85
CA ASP A 122 -10.86 -11.72 15.75
C ASP A 122 -11.14 -11.03 14.42
N GLN A 123 -12.12 -10.12 14.44
CA GLN A 123 -12.62 -9.48 13.23
C GLN A 123 -11.57 -8.58 12.57
N MET A 124 -10.70 -7.99 13.37
CA MET A 124 -9.67 -7.10 12.83
C MET A 124 -8.72 -7.91 11.94
N ASN A 125 -8.25 -9.05 12.45
CA ASN A 125 -7.40 -9.88 11.60
C ASN A 125 -8.12 -10.62 10.48
N ALA A 126 -9.39 -10.91 10.69
CA ALA A 126 -10.22 -11.50 9.61
C ALA A 126 -10.34 -10.56 8.40
N ALA A 127 -10.39 -9.25 8.68
CA ALA A 127 -10.60 -8.26 7.62
C ALA A 127 -9.36 -7.93 6.82
N LYS A 128 -8.18 -8.09 7.46
CA LYS A 128 -6.90 -7.64 6.86
C LYS A 128 -6.65 -8.06 5.39
N PRO A 129 -6.88 -9.34 5.05
CA PRO A 129 -6.68 -9.74 3.63
C PRO A 129 -7.55 -9.02 2.60
N TYR A 130 -8.64 -8.40 3.06
CA TYR A 130 -9.69 -7.86 2.19
C TYR A 130 -9.78 -6.34 2.29
N ALA A 131 -8.87 -5.73 3.04
CA ALA A 131 -9.00 -4.29 3.29
C ALA A 131 -7.66 -3.62 3.15
N LYS A 132 -7.66 -2.34 2.81
CA LYS A 132 -6.41 -1.59 2.79
C LYS A 132 -5.79 -1.53 4.18
N ALA A 133 -6.64 -1.46 5.20
CA ALA A 133 -6.19 -1.45 6.59
C ALA A 133 -7.32 -1.95 7.47
N ALA A 134 -6.96 -2.54 8.61
CA ALA A 134 -7.97 -2.95 9.62
C ALA A 134 -7.49 -2.42 10.95
N PHE A 135 -8.31 -1.57 11.56
CA PHE A 135 -8.00 -0.95 12.85
C PHE A 135 -9.01 -1.37 13.90
N ARG A 136 -8.57 -1.47 15.16
CA ARG A 136 -9.49 -1.78 16.27
C ARG A 136 -9.23 -0.79 17.40
N VAL A 137 -10.31 -0.24 17.94
CA VAL A 137 -10.21 0.89 18.90
C VAL A 137 -10.63 0.41 20.28
N ASN A 138 -9.69 0.39 21.21
CA ASN A 138 -9.93 -0.08 22.58
C ASN A 138 -10.25 1.04 23.59
N GLN A 139 -9.83 2.27 23.29
CA GLN A 139 -9.98 3.41 24.20
C GLN A 139 -10.78 4.53 23.53
N PRO A 140 -11.76 5.11 24.25
CA PRO A 140 -12.66 6.07 23.60
C PRO A 140 -11.93 7.33 23.15
N GLN A 141 -10.83 7.67 23.84
CA GLN A 141 -10.01 8.83 23.46
C GLN A 141 -9.27 8.68 22.13
N ASP A 142 -9.21 7.45 21.62
CA ASP A 142 -8.57 7.13 20.34
C ASP A 142 -9.59 7.02 19.18
N LEU A 143 -10.89 7.10 19.46
CA LEU A 143 -11.88 6.98 18.37
C LEU A 143 -11.67 8.02 17.27
N GLY A 144 -11.40 9.27 17.67
CA GLY A 144 -11.32 10.35 16.69
C GLY A 144 -10.17 10.10 15.75
N ILE A 145 -8.99 9.82 16.31
CA ILE A 145 -7.83 9.61 15.46
C ILE A 145 -8.01 8.33 14.59
N ALA A 146 -8.63 7.30 15.16
CA ALA A 146 -8.86 6.05 14.41
C ALA A 146 -9.74 6.33 13.18
N LEU A 147 -10.81 7.12 13.36
CA LEU A 147 -11.66 7.47 12.21
C LEU A 147 -10.88 8.29 11.17
N ALA A 148 -10.04 9.20 11.65
CA ALA A 148 -9.20 10.02 10.77
C ALA A 148 -8.30 9.12 9.88
N ARG A 149 -7.68 8.11 10.51
CA ARG A 149 -6.85 7.13 9.79
C ARG A 149 -7.69 6.40 8.75
N ALA A 150 -8.85 5.93 9.18
CA ALA A 150 -9.73 5.11 8.32
C ALA A 150 -10.12 5.91 7.09
N ILE A 151 -10.50 7.17 7.29
CA ILE A 151 -10.82 8.06 6.19
C ILE A 151 -9.63 8.23 5.24
N ARG A 152 -8.48 8.61 5.77
CA ARG A 152 -7.30 8.84 4.94
C ARG A 152 -6.87 7.58 4.18
N VAL A 153 -6.82 6.45 4.88
CA VAL A 153 -6.47 5.20 4.21
C VAL A 153 -7.46 4.87 3.08
N SER A 154 -8.75 5.04 3.33
CA SER A 154 -9.77 4.61 2.36
C SER A 154 -9.70 5.38 1.03
N VAL A 155 -9.40 6.67 1.06
CA VAL A 155 -9.43 7.50 -0.15
C VAL A 155 -8.06 7.83 -0.78
N SER A 156 -6.99 7.66 -0.04
CA SER A 156 -5.66 7.96 -0.60
C SER A 156 -5.18 6.79 -1.47
N GLY A 157 -4.12 7.02 -2.25
CA GLY A 157 -3.55 5.99 -3.14
C GLY A 157 -4.62 5.42 -4.05
N ARG A 158 -4.59 4.10 -4.27
CA ARG A 158 -5.75 3.42 -4.89
C ARG A 158 -6.77 3.29 -3.79
N PRO A 159 -7.95 3.92 -3.95
CA PRO A 159 -8.96 3.87 -2.87
C PRO A 159 -9.39 2.44 -2.58
N GLY A 160 -9.97 2.22 -1.42
CA GLY A 160 -10.37 0.86 -1.08
C GLY A 160 -11.13 0.79 0.23
N GLY A 161 -11.37 -0.45 0.65
CA GLY A 161 -12.11 -0.70 1.89
C GLY A 161 -11.21 -0.60 3.10
N VAL A 162 -11.75 -0.05 4.18
CA VAL A 162 -11.05 -0.04 5.48
C VAL A 162 -12.00 -0.62 6.52
N TYR A 163 -11.46 -1.44 7.42
CA TYR A 163 -12.27 -2.02 8.48
C TYR A 163 -11.95 -1.29 9.77
N LEU A 164 -13.01 -0.81 10.45
CA LEU A 164 -12.89 -0.15 11.75
C LEU A 164 -13.65 -0.90 12.84
N ASP A 165 -12.92 -1.50 13.77
CA ASP A 165 -13.52 -2.41 14.77
C ASP A 165 -13.77 -1.69 16.08
N LEU A 166 -15.03 -1.73 16.52
CA LEU A 166 -15.43 -1.06 17.75
C LEU A 166 -15.90 -2.09 18.78
N PRO A 167 -15.00 -2.54 19.68
CA PRO A 167 -15.47 -3.49 20.73
C PRO A 167 -16.61 -2.90 21.55
N ALA A 168 -17.59 -3.73 21.93
CA ALA A 168 -18.72 -3.28 22.71
C ALA A 168 -18.25 -2.42 23.88
N ASN A 169 -17.12 -2.79 24.50
CA ASN A 169 -16.55 -2.03 25.63
C ASN A 169 -16.18 -0.57 25.31
N VAL A 170 -15.65 -0.32 24.12
CA VAL A 170 -15.26 1.05 23.76
C VAL A 170 -16.50 1.91 23.54
N LEU A 171 -17.58 1.31 23.04
CA LEU A 171 -18.83 2.05 22.81
C LEU A 171 -19.43 2.54 24.14
N ALA A 172 -19.32 1.70 25.15
CA ALA A 172 -19.87 1.98 26.47
C ALA A 172 -18.90 2.78 27.35
N ALA A 173 -17.60 2.77 27.02
CA ALA A 173 -16.57 3.42 27.84
C ALA A 173 -16.83 4.92 27.94
N THR A 174 -16.68 5.48 29.15
CA THR A 174 -16.95 6.91 29.34
C THR A 174 -15.68 7.74 29.48
N MET A 175 -15.80 9.02 29.17
CA MET A 175 -14.80 10.02 29.49
C MET A 175 -15.49 11.39 29.60
N GLU A 176 -14.75 12.37 30.12
CA GLU A 176 -15.27 13.73 30.25
C GLU A 176 -15.59 14.29 28.87
N LYS A 177 -16.75 14.93 28.73
CA LYS A 177 -17.26 15.43 27.44
C LYS A 177 -16.35 16.50 26.80
N ASP A 178 -15.92 17.48 27.60
CA ASP A 178 -15.04 18.52 27.08
C ASP A 178 -13.75 17.91 26.57
N GLU A 179 -13.15 17.03 27.37
CA GLU A 179 -11.92 16.40 26.95
C GLU A 179 -12.15 15.59 25.68
N ALA A 180 -13.29 14.88 25.65
CA ALA A 180 -13.62 14.02 24.50
C ALA A 180 -13.68 14.83 23.22
N LEU A 181 -14.26 16.02 23.29
CA LEU A 181 -14.34 16.88 22.11
C LEU A 181 -12.99 17.29 21.54
N THR A 182 -11.97 17.41 22.40
CA THR A 182 -10.63 17.74 21.95
C THR A 182 -9.97 16.60 21.18
N THR A 183 -10.54 15.39 21.27
CA THR A 183 -9.93 14.20 20.66
C THR A 183 -10.57 13.88 19.30
N ILE A 184 -11.56 14.69 18.90
CA ILE A 184 -12.19 14.46 17.61
C ILE A 184 -11.37 15.13 16.51
N VAL A 185 -11.17 14.43 15.40
CA VAL A 185 -10.29 14.91 14.32
C VAL A 185 -11.08 15.09 13.02
N LYS A 186 -11.09 16.33 12.53
CA LYS A 186 -11.71 16.65 11.24
C LYS A 186 -10.61 16.64 10.19
N VAL A 187 -10.70 15.66 9.29
CA VAL A 187 -9.74 15.47 8.22
C VAL A 187 -10.04 16.42 7.06
N GLU A 188 -9.09 17.29 6.77
CA GLU A 188 -9.15 18.16 5.60
C GLU A 188 -8.31 17.56 4.47
N ASN A 189 -8.87 17.53 3.27
CA ASN A 189 -8.17 17.02 2.08
C ASN A 189 -7.46 15.66 2.29
N PRO A 190 -8.25 14.60 2.57
CA PRO A 190 -7.65 13.30 2.85
C PRO A 190 -6.94 12.63 1.64
N SER A 191 -7.24 13.07 0.43
CA SER A 191 -6.52 12.61 -0.76
C SER A 191 -5.99 13.80 -1.56
N PRO A 192 -4.80 14.31 -1.18
CA PRO A 192 -4.30 15.52 -1.86
C PRO A 192 -3.73 15.15 -3.24
N ALA A 193 -3.57 16.15 -4.11
CA ALA A 193 -2.99 15.93 -5.43
C ALA A 193 -1.59 15.33 -5.33
N LEU A 194 -1.29 14.39 -6.23
CA LEU A 194 0.06 13.86 -6.35
C LEU A 194 0.45 13.93 -7.80
N LEU A 195 1.44 14.78 -8.09
CA LEU A 195 1.74 15.13 -9.48
C LEU A 195 2.84 14.26 -10.06
N PRO A 196 2.68 13.84 -11.33
CA PRO A 196 3.66 12.96 -11.98
C PRO A 196 4.98 13.62 -12.29
N CYS A 197 6.03 12.82 -12.37
CA CYS A 197 7.29 13.28 -12.90
C CYS A 197 7.08 13.98 -14.28
N PRO A 198 7.51 15.25 -14.40
CA PRO A 198 7.37 15.99 -15.66
C PRO A 198 7.98 15.28 -16.87
N LYS A 199 9.07 14.55 -16.64
CA LYS A 199 9.70 13.80 -17.71
C LYS A 199 8.77 12.72 -18.23
N SER A 200 8.01 12.08 -17.34
CA SER A 200 7.11 11.04 -17.79
C SER A 200 5.97 11.63 -18.63
N VAL A 201 5.51 12.84 -18.27
CA VAL A 201 4.50 13.54 -19.08
C VAL A 201 5.06 13.88 -20.47
N THR A 202 6.24 14.48 -20.51
CA THR A 202 6.91 14.76 -21.80
C THR A 202 7.05 13.50 -22.70
N SER A 203 7.47 12.40 -22.10
CA SER A 203 7.61 11.13 -22.82
C SER A 203 6.28 10.61 -23.36
N ALA A 204 5.22 10.76 -22.56
CA ALA A 204 3.88 10.32 -22.95
C ALA A 204 3.39 11.06 -24.19
N ILE A 205 3.49 12.39 -24.15
CA ILE A 205 3.06 13.22 -25.27
C ILE A 205 3.89 12.90 -26.53
N SER A 206 5.19 12.75 -26.35
CA SER A 206 6.12 12.42 -27.47
C SER A 206 5.74 11.09 -28.12
N LEU A 207 5.42 10.08 -27.30
CA LEU A 207 5.02 8.78 -27.84
C LEU A 207 3.68 8.86 -28.58
N LEU A 208 2.71 9.56 -28.01
CA LEU A 208 1.42 9.75 -28.68
C LEU A 208 1.59 10.47 -30.02
N ALA A 209 2.46 11.48 -30.02
CA ALA A 209 2.71 12.28 -31.24
C ALA A 209 3.30 11.43 -32.37
N LYS A 210 4.14 10.45 -32.00
CA LYS A 210 4.77 9.53 -32.96
C LYS A 210 3.85 8.39 -33.41
N ALA A 211 2.80 8.13 -32.64
CA ALA A 211 1.93 6.99 -32.89
C ALA A 211 1.19 7.11 -34.25
N GLU A 212 1.13 6.04 -35.02
CA GLU A 212 0.30 6.01 -36.23
C GLU A 212 -1.15 5.71 -35.89
N ARG A 213 -1.36 4.96 -34.80
CA ARG A 213 -2.69 4.43 -34.46
C ARG A 213 -2.92 4.45 -32.94
N PRO A 214 -2.94 5.67 -32.36
CA PRO A 214 -3.07 5.79 -30.90
C PRO A 214 -4.48 5.52 -30.41
N LEU A 215 -4.58 4.98 -29.21
CA LEU A 215 -5.89 4.71 -28.61
C LEU A 215 -5.78 5.00 -27.11
N ILE A 216 -6.78 5.72 -26.59
CA ILE A 216 -6.90 5.90 -25.13
C ILE A 216 -7.91 4.90 -24.61
N ILE A 217 -7.59 4.28 -23.48
CA ILE A 217 -8.59 3.47 -22.78
C ILE A 217 -8.91 4.14 -21.46
N LEU A 218 -10.18 4.52 -21.31
CA LEU A 218 -10.65 5.12 -20.06
C LEU A 218 -11.20 4.03 -19.14
N GLY A 219 -10.60 3.88 -17.98
CA GLY A 219 -11.10 2.90 -17.03
C GLY A 219 -11.91 3.59 -15.94
N LYS A 220 -12.45 2.81 -15.03
CA LYS A 220 -13.23 3.40 -13.96
C LYS A 220 -12.40 4.26 -12.98
N GLY A 221 -11.07 4.10 -13.00
CA GLY A 221 -10.17 5.03 -12.29
C GLY A 221 -10.31 6.44 -12.87
N ALA A 222 -10.38 6.52 -14.20
CA ALA A 222 -10.64 7.79 -14.86
C ALA A 222 -11.98 8.36 -14.43
N ALA A 223 -13.02 7.52 -14.41
CA ALA A 223 -14.35 7.98 -13.99
C ALA A 223 -14.31 8.48 -12.55
N TYR A 224 -13.74 7.68 -11.67
CA TYR A 224 -13.60 8.01 -10.26
C TYR A 224 -12.92 9.37 -10.02
N SER A 225 -11.94 9.70 -10.86
CA SER A 225 -11.13 10.90 -10.65
C SER A 225 -11.91 12.19 -10.83
N GLN A 226 -13.04 12.11 -11.52
CA GLN A 226 -13.90 13.27 -11.86
C GLN A 226 -13.23 14.34 -12.74
N ALA A 227 -12.16 13.94 -13.43
CA ALA A 227 -11.47 14.85 -14.37
C ALA A 227 -12.14 14.88 -15.74
N ASP A 228 -13.47 14.95 -15.75
CA ASP A 228 -14.26 14.78 -16.98
C ASP A 228 -13.89 15.79 -18.03
N GLU A 229 -13.83 17.06 -17.63
CA GLU A 229 -13.57 18.11 -18.61
C GLU A 229 -12.17 18.03 -19.19
N GLN A 230 -11.19 17.75 -18.32
CA GLN A 230 -9.81 17.58 -18.78
C GLN A 230 -9.64 16.42 -19.73
N LEU A 231 -10.23 15.27 -19.39
CA LEU A 231 -10.18 14.11 -20.29
C LEU A 231 -10.80 14.43 -21.65
N ARG A 232 -11.96 15.06 -21.64
CA ARG A 232 -12.61 15.42 -22.89
C ARG A 232 -11.77 16.40 -23.70
N GLU A 233 -11.21 17.39 -23.03
CA GLU A 233 -10.40 18.42 -23.72
C GLU A 233 -9.21 17.80 -24.41
N PHE A 234 -8.52 16.87 -23.71
CA PHE A 234 -7.37 16.17 -24.26
C PHE A 234 -7.73 15.33 -25.47
N ILE A 235 -8.74 14.48 -25.31
CA ILE A 235 -9.24 13.62 -26.39
C ILE A 235 -9.65 14.46 -27.63
N GLU A 236 -10.36 15.55 -27.39
CA GLU A 236 -10.89 16.33 -28.50
C GLU A 236 -9.83 17.19 -29.17
N SER A 237 -8.86 17.67 -28.39
CA SER A 237 -7.79 18.50 -28.97
C SER A 237 -6.86 17.73 -29.91
N ALA A 238 -6.42 16.54 -29.49
CA ALA A 238 -5.54 15.72 -30.32
C ALA A 238 -6.33 14.72 -31.18
N GLN A 239 -7.66 14.72 -31.02
CA GLN A 239 -8.56 13.82 -31.77
C GLN A 239 -8.12 12.35 -31.60
N ILE A 240 -7.94 11.96 -30.34
CA ILE A 240 -7.48 10.60 -30.03
C ILE A 240 -8.70 9.66 -29.83
N PRO A 241 -8.82 8.59 -30.64
CA PRO A 241 -9.89 7.61 -30.41
C PRO A 241 -9.80 7.02 -29.01
N PHE A 242 -10.95 6.78 -28.39
CA PHE A 242 -10.94 6.25 -27.03
C PHE A 242 -11.93 5.10 -26.91
N LEU A 243 -11.66 4.23 -25.94
CA LEU A 243 -12.48 3.10 -25.60
C LEU A 243 -12.79 3.22 -24.11
N PRO A 244 -14.06 3.36 -23.75
CA PRO A 244 -14.40 3.35 -22.33
C PRO A 244 -14.60 1.91 -21.79
N MET A 245 -13.97 1.59 -20.67
CA MET A 245 -14.35 0.40 -19.93
C MET A 245 -15.80 0.58 -19.38
N SER A 246 -16.40 -0.50 -18.88
CA SER A 246 -17.80 -0.45 -18.47
C SER A 246 -18.19 0.77 -17.62
N MET A 247 -17.52 0.95 -16.48
CA MET A 247 -17.93 2.03 -15.56
C MET A 247 -17.32 3.39 -15.87
N ALA A 248 -16.56 3.43 -16.98
CA ALA A 248 -16.08 4.67 -17.57
C ALA A 248 -16.99 5.15 -18.73
N LYS A 249 -18.01 4.38 -19.08
CA LYS A 249 -18.97 4.80 -20.10
C LYS A 249 -19.59 6.10 -19.64
N GLY A 250 -19.76 7.04 -20.56
CA GLY A 250 -20.36 8.30 -20.18
C GLY A 250 -19.47 9.44 -19.77
N ILE A 251 -18.17 9.21 -19.52
CA ILE A 251 -17.28 10.34 -19.22
C ILE A 251 -17.32 11.29 -20.40
N LEU A 252 -17.13 10.73 -21.58
CA LEU A 252 -17.63 11.35 -22.81
C LEU A 252 -18.85 10.54 -23.19
N GLU A 253 -19.81 11.13 -23.88
CA GLU A 253 -20.99 10.34 -24.23
C GLU A 253 -20.63 9.15 -25.11
N ASP A 254 -21.36 8.05 -24.96
CA ASP A 254 -21.03 6.82 -25.69
C ASP A 254 -21.18 6.96 -27.21
N THR A 255 -21.97 7.94 -27.65
CA THR A 255 -22.17 8.17 -29.06
C THR A 255 -21.18 9.20 -29.61
N HIS A 256 -20.16 9.53 -28.80
CA HIS A 256 -19.14 10.51 -29.22
C HIS A 256 -18.45 9.99 -30.49
N PRO A 257 -18.22 10.89 -31.48
CA PRO A 257 -17.54 10.47 -32.70
C PRO A 257 -16.20 9.77 -32.53
N LEU A 258 -15.47 10.05 -31.45
CA LEU A 258 -14.17 9.45 -31.26
C LEU A 258 -14.22 8.13 -30.49
N SER A 259 -15.40 7.73 -29.99
CA SER A 259 -15.47 6.46 -29.28
C SER A 259 -15.26 5.29 -30.25
N ALA A 260 -14.30 4.44 -29.92
CA ALA A 260 -14.02 3.23 -30.69
C ALA A 260 -14.80 2.01 -30.18
N ALA A 261 -15.79 2.24 -29.29
CA ALA A 261 -16.53 1.12 -28.64
C ALA A 261 -17.10 0.13 -29.64
N ALA A 262 -17.71 0.65 -30.70
CA ALA A 262 -18.33 -0.19 -31.71
C ALA A 262 -17.32 -0.99 -32.53
N ALA A 263 -16.03 -0.68 -32.39
CA ALA A 263 -14.96 -1.39 -33.10
C ALA A 263 -13.85 -1.79 -32.14
N ARG A 264 -14.26 -2.22 -30.94
CA ARG A 264 -13.33 -2.51 -29.86
C ARG A 264 -12.29 -3.55 -30.28
N SER A 265 -12.74 -4.64 -30.90
CA SER A 265 -11.82 -5.73 -31.26
C SER A 265 -10.78 -5.21 -32.25
N PHE A 266 -11.27 -4.49 -33.27
CA PHE A 266 -10.39 -3.92 -34.29
C PHE A 266 -9.41 -2.94 -33.63
N ALA A 267 -9.93 -2.07 -32.78
CA ALA A 267 -9.10 -1.06 -32.11
C ALA A 267 -7.96 -1.70 -31.32
N LEU A 268 -8.26 -2.70 -30.48
CA LEU A 268 -7.20 -3.29 -29.64
C LEU A 268 -6.18 -4.08 -30.48
N ALA A 269 -6.67 -4.74 -31.54
CA ALA A 269 -5.81 -5.57 -32.40
C ALA A 269 -4.84 -4.71 -33.21
N ASN A 270 -5.22 -3.46 -33.48
CA ASN A 270 -4.47 -2.61 -34.43
C ASN A 270 -3.82 -1.34 -33.89
N ALA A 271 -4.19 -0.91 -32.67
CA ALA A 271 -3.54 0.27 -32.10
C ALA A 271 -2.06 0.00 -31.93
N ASP A 272 -1.23 1.03 -32.16
CA ASP A 272 0.20 0.86 -31.92
C ASP A 272 0.67 1.45 -30.58
N VAL A 273 0.01 2.50 -30.11
CA VAL A 273 0.30 3.10 -28.80
C VAL A 273 -1.05 3.17 -28.05
N VAL A 274 -1.08 2.62 -26.84
CA VAL A 274 -2.31 2.59 -26.06
C VAL A 274 -2.09 3.29 -24.73
N MET A 275 -2.92 4.27 -24.44
CA MET A 275 -2.81 5.04 -23.20
C MET A 275 -3.91 4.62 -22.23
N LEU A 276 -3.52 3.90 -21.21
CA LEU A 276 -4.45 3.44 -20.17
C LEU A 276 -4.63 4.54 -19.15
N VAL A 277 -5.85 4.96 -18.93
CA VAL A 277 -6.10 5.98 -17.92
C VAL A 277 -6.98 5.37 -16.82
N GLY A 278 -6.37 5.06 -15.67
CA GLY A 278 -7.07 4.41 -14.58
C GLY A 278 -7.77 3.13 -15.01
N ALA A 279 -7.02 2.26 -15.71
CA ALA A 279 -7.51 0.97 -16.20
C ALA A 279 -6.39 -0.04 -16.08
N ARG A 280 -6.68 -1.18 -15.46
CA ARG A 280 -5.69 -2.25 -15.34
C ARG A 280 -5.67 -3.20 -16.55
N LEU A 281 -4.47 -3.66 -16.92
CA LEU A 281 -4.31 -4.68 -17.95
C LEU A 281 -4.58 -6.07 -17.37
N ASN A 282 -5.74 -6.23 -16.76
CA ASN A 282 -6.16 -7.49 -16.15
C ASN A 282 -7.05 -8.28 -17.12
N TRP A 283 -7.81 -9.25 -16.59
CA TRP A 283 -8.59 -10.14 -17.44
C TRP A 283 -9.60 -9.40 -18.32
N LEU A 284 -10.06 -8.22 -17.86
CA LEU A 284 -11.06 -7.46 -18.62
C LEU A 284 -10.48 -6.94 -19.94
N LEU A 285 -9.15 -6.84 -19.98
CA LEU A 285 -8.44 -6.44 -21.21
C LEU A 285 -7.56 -7.59 -21.73
N ALA A 286 -7.86 -8.83 -21.32
CA ALA A 286 -7.08 -10.01 -21.75
C ALA A 286 -5.59 -9.89 -21.46
N HIS A 287 -5.24 -9.13 -20.41
CA HIS A 287 -3.83 -8.94 -19.98
C HIS A 287 -2.91 -8.39 -21.06
N GLY A 288 -3.49 -7.70 -22.04
CA GLY A 288 -2.71 -7.12 -23.15
C GLY A 288 -2.21 -8.17 -24.13
N LYS A 289 -2.79 -9.38 -24.06
CA LYS A 289 -2.30 -10.52 -24.85
C LYS A 289 -3.22 -10.87 -26.01
N LYS A 290 -4.10 -11.86 -25.83
CA LYS A 290 -5.04 -12.25 -26.89
C LYS A 290 -5.82 -11.02 -27.40
N GLY A 291 -5.81 -10.84 -28.73
CA GLY A 291 -6.58 -9.79 -29.37
C GLY A 291 -5.89 -8.44 -29.48
N TRP A 292 -4.65 -8.37 -29.00
CA TRP A 292 -3.83 -7.16 -29.05
C TRP A 292 -2.78 -7.31 -30.14
N ALA A 293 -2.30 -6.19 -30.65
CA ALA A 293 -1.13 -6.19 -31.53
C ALA A 293 0.02 -6.82 -30.76
N ALA A 294 0.97 -7.43 -31.47
CA ALA A 294 2.05 -8.16 -30.80
C ALA A 294 2.98 -7.27 -29.96
N ASP A 295 3.18 -6.03 -30.42
CA ASP A 295 4.13 -5.13 -29.75
C ASP A 295 3.51 -3.75 -29.45
N THR A 296 2.25 -3.74 -28.98
CA THR A 296 1.63 -2.51 -28.46
C THR A 296 2.60 -1.81 -27.50
N GLN A 297 2.72 -0.50 -27.62
CA GLN A 297 3.45 0.28 -26.63
C GLN A 297 2.44 0.98 -25.71
N PHE A 298 2.63 0.84 -24.39
CA PHE A 298 1.69 1.39 -23.43
C PHE A 298 2.19 2.63 -22.72
N ILE A 299 1.27 3.60 -22.59
CA ILE A 299 1.37 4.67 -21.61
C ILE A 299 0.34 4.32 -20.53
N GLN A 300 0.70 4.47 -19.26
CA GLN A 300 -0.26 4.20 -18.19
C GLN A 300 -0.30 5.25 -17.09
N LEU A 301 -1.44 5.93 -16.99
CA LEU A 301 -1.69 6.88 -15.91
C LEU A 301 -2.37 6.11 -14.78
N ASP A 302 -1.68 6.00 -13.65
CA ASP A 302 -2.24 5.35 -12.47
C ASP A 302 -1.58 5.92 -11.24
N ILE A 303 -2.33 5.92 -10.14
CA ILE A 303 -1.84 6.41 -8.84
C ILE A 303 -1.00 5.36 -8.12
N GLU A 304 -1.14 4.11 -8.57
CA GLU A 304 -0.55 3.00 -7.85
C GLU A 304 0.71 2.52 -8.58
N PRO A 305 1.90 2.88 -8.06
CA PRO A 305 3.11 2.43 -8.75
C PRO A 305 3.24 0.91 -8.81
N GLN A 306 2.68 0.21 -7.81
CA GLN A 306 2.75 -1.26 -7.80
C GLN A 306 2.01 -1.90 -8.98
N GLU A 307 1.12 -1.14 -9.62
CA GLU A 307 0.38 -1.64 -10.78
C GLU A 307 1.19 -1.67 -12.08
N ILE A 308 2.22 -0.81 -12.17
CA ILE A 308 3.02 -0.69 -13.38
C ILE A 308 3.78 -2.00 -13.61
N ASP A 309 3.81 -2.45 -14.88
CA ASP A 309 4.48 -3.69 -15.28
C ASP A 309 3.90 -4.92 -14.60
N SER A 310 2.61 -4.90 -14.29
CA SER A 310 2.02 -6.09 -13.69
C SER A 310 1.82 -7.20 -14.73
N ASN A 311 1.54 -6.80 -15.97
CA ASN A 311 1.19 -7.73 -17.05
C ASN A 311 2.14 -7.53 -18.23
N ARG A 312 1.90 -6.50 -19.03
CA ARG A 312 2.80 -6.14 -20.14
C ARG A 312 3.76 -5.06 -19.64
N PRO A 313 5.03 -5.12 -20.08
CA PRO A 313 5.89 -4.00 -19.76
C PRO A 313 5.29 -2.69 -20.28
N ILE A 314 5.38 -1.65 -19.47
CA ILE A 314 4.79 -0.32 -19.75
C ILE A 314 5.91 0.64 -20.17
N ALA A 315 5.87 1.05 -21.43
CA ALA A 315 6.88 1.95 -21.99
C ALA A 315 6.92 3.28 -21.24
N VAL A 316 5.74 3.89 -21.02
CA VAL A 316 5.66 5.16 -20.30
C VAL A 316 4.65 5.19 -19.13
N PRO A 317 5.12 4.82 -17.93
CA PRO A 317 4.33 4.98 -16.70
C PRO A 317 4.19 6.47 -16.39
N VAL A 318 2.98 6.89 -16.05
CA VAL A 318 2.74 8.25 -15.56
C VAL A 318 2.06 8.09 -14.21
N VAL A 319 2.88 8.06 -13.16
CA VAL A 319 2.38 7.73 -11.83
C VAL A 319 1.99 9.01 -11.10
N GLY A 320 0.74 9.08 -10.68
CA GLY A 320 0.23 10.28 -10.01
C GLY A 320 -1.27 10.20 -10.10
N ASP A 321 -1.96 11.17 -9.52
CA ASP A 321 -3.43 11.14 -9.62
C ASP A 321 -3.84 11.65 -11.00
N ILE A 322 -4.92 11.09 -11.56
CA ILE A 322 -5.29 11.37 -12.94
C ILE A 322 -5.60 12.84 -13.18
N ALA A 323 -6.32 13.48 -12.26
CA ALA A 323 -6.57 14.94 -12.43
C ALA A 323 -5.28 15.73 -12.59
N SER A 324 -4.30 15.47 -11.71
CA SER A 324 -2.98 16.15 -11.82
C SER A 324 -2.22 15.78 -13.09
N SER A 325 -2.24 14.50 -13.43
CA SER A 325 -1.54 14.03 -14.63
C SER A 325 -2.11 14.67 -15.88
N MET A 326 -3.44 14.76 -15.95
CA MET A 326 -4.09 15.37 -17.11
C MET A 326 -3.81 16.87 -17.24
N GLN A 327 -3.65 17.56 -16.10
CA GLN A 327 -3.20 18.99 -16.14
C GLN A 327 -1.86 19.10 -16.84
N GLY A 328 -0.93 18.22 -16.45
CA GLY A 328 0.38 18.17 -17.08
C GLY A 328 0.30 17.80 -18.55
N MET A 329 -0.46 16.75 -18.85
CA MET A 329 -0.60 16.27 -20.22
C MET A 329 -1.16 17.36 -21.11
N LEU A 330 -2.17 18.08 -20.61
CA LEU A 330 -2.75 19.18 -21.39
C LEU A 330 -1.75 20.32 -21.63
N ALA A 331 -1.02 20.70 -20.58
CA ALA A 331 0.00 21.75 -20.71
C ALA A 331 1.07 21.36 -21.72
N GLU A 332 1.52 20.11 -21.66
CA GLU A 332 2.58 19.64 -22.55
C GLU A 332 2.06 19.55 -23.99
N LEU A 333 0.81 19.11 -24.14
CA LEU A 333 0.18 19.08 -25.47
C LEU A 333 0.06 20.49 -26.06
N LYS A 334 -0.39 21.44 -25.25
CA LYS A 334 -0.55 22.82 -25.71
C LYS A 334 0.76 23.42 -26.28
N GLN A 335 1.88 23.03 -25.70
CA GLN A 335 3.17 23.52 -26.18
C GLN A 335 3.67 22.75 -27.38
N ASN A 336 3.29 21.48 -27.48
CA ASN A 336 3.71 20.57 -28.56
C ASN A 336 2.49 19.87 -29.17
N THR A 337 1.70 20.63 -29.92
CA THR A 337 0.41 20.12 -30.40
C THR A 337 0.62 19.02 -31.43
N PHE A 338 -0.41 18.20 -31.60
CA PHE A 338 -0.49 17.23 -32.69
C PHE A 338 -1.96 16.81 -32.80
N THR A 339 -2.35 16.30 -33.95
CA THR A 339 -3.58 15.51 -34.06
C THR A 339 -3.23 14.11 -34.55
N THR A 340 -3.99 13.13 -34.11
CA THR A 340 -3.79 11.76 -34.58
C THR A 340 -4.00 11.69 -36.09
N PRO A 341 -3.36 10.71 -36.77
CA PRO A 341 -3.59 10.55 -38.20
C PRO A 341 -5.07 10.38 -38.56
N LEU A 342 -5.51 11.17 -39.53
CA LEU A 342 -6.87 11.06 -40.03
C LEU A 342 -7.17 9.68 -40.61
N VAL A 343 -6.18 9.05 -41.24
CA VAL A 343 -6.35 7.70 -41.81
C VAL A 343 -6.83 6.70 -40.74
N TRP A 344 -6.18 6.73 -39.57
CA TRP A 344 -6.53 5.84 -38.46
C TRP A 344 -7.97 6.06 -38.02
N ARG A 345 -8.35 7.33 -37.83
CA ARG A 345 -9.73 7.69 -37.48
C ARG A 345 -10.76 7.24 -38.53
N ASP A 346 -10.44 7.46 -39.80
CA ASP A 346 -11.32 7.05 -40.90
C ASP A 346 -11.50 5.52 -40.94
N ILE A 347 -10.41 4.80 -40.76
CA ILE A 347 -10.49 3.34 -40.81
C ILE A 347 -11.24 2.79 -39.61
N LEU A 348 -11.01 3.37 -38.43
CA LEU A 348 -11.80 3.00 -37.23
C LEU A 348 -13.29 3.15 -37.56
N ASN A 349 -13.64 4.29 -38.17
CA ASN A 349 -15.01 4.59 -38.49
C ASN A 349 -15.65 3.58 -39.46
N ILE A 350 -14.84 3.06 -40.39
CA ILE A 350 -15.30 1.99 -41.29
C ILE A 350 -15.76 0.77 -40.53
N HIS A 351 -14.94 0.37 -39.56
CA HIS A 351 -15.20 -0.81 -38.78
C HIS A 351 -16.38 -0.60 -37.82
N LYS A 352 -16.49 0.61 -37.28
CA LYS A 352 -17.60 0.93 -36.37
C LYS A 352 -18.88 0.81 -37.13
N GLN A 353 -18.84 1.32 -38.36
CA GLN A 353 -20.00 1.42 -39.22
C GLN A 353 -20.53 0.02 -39.52
N GLN A 354 -19.62 -0.90 -39.82
CA GLN A 354 -19.97 -2.30 -40.09
C GLN A 354 -20.65 -2.94 -38.86
N ASN A 355 -20.06 -2.75 -37.69
CA ASN A 355 -20.59 -3.36 -36.46
C ASN A 355 -21.89 -2.73 -35.98
N ALA A 356 -21.99 -1.40 -36.09
CA ALA A 356 -23.21 -0.68 -35.74
C ALA A 356 -24.37 -1.13 -36.62
N GLN A 357 -24.06 -1.37 -37.91
CA GLN A 357 -25.01 -1.92 -38.87
C GLN A 357 -25.60 -3.24 -38.36
N LYS A 358 -24.74 -4.18 -38.02
CA LYS A 358 -25.15 -5.50 -37.56
C LYS A 358 -25.88 -5.45 -36.21
N MET A 359 -25.43 -4.56 -35.33
CA MET A 359 -26.08 -4.33 -34.04
C MET A 359 -27.52 -3.82 -34.21
N HIS A 360 -27.67 -2.68 -34.88
CA HIS A 360 -28.98 -2.03 -35.06
C HIS A 360 -29.98 -2.93 -35.80
N GLU A 361 -29.44 -3.85 -36.60
CA GLU A 361 -30.23 -4.89 -37.27
C GLU A 361 -30.98 -5.74 -36.23
N LYS A 362 -30.22 -6.36 -35.33
CA LYS A 362 -30.76 -7.19 -34.24
C LYS A 362 -31.68 -6.38 -33.32
N LEU A 363 -31.27 -5.15 -33.00
CA LEU A 363 -32.00 -4.29 -32.10
C LEU A 363 -33.38 -4.04 -32.66
N SER A 364 -33.45 -3.89 -33.97
CA SER A 364 -34.68 -3.47 -34.62
C SER A 364 -35.60 -4.61 -35.05
N THR A 365 -35.25 -5.86 -34.78
CA THR A 365 -36.07 -6.97 -35.27
C THR A 365 -36.92 -7.63 -34.17
N ASP A 366 -38.24 -7.52 -34.29
CA ASP A 366 -39.12 -8.13 -33.30
C ASP A 366 -39.07 -9.66 -33.31
N THR A 367 -39.21 -10.24 -32.12
CA THR A 367 -39.32 -11.68 -31.97
C THR A 367 -40.30 -11.94 -30.83
N GLN A 368 -40.93 -13.10 -30.86
CA GLN A 368 -41.75 -13.59 -29.75
C GLN A 368 -41.32 -15.04 -29.46
N PRO A 369 -40.72 -15.30 -28.28
CA PRO A 369 -40.48 -14.36 -27.18
C PRO A 369 -39.39 -13.35 -27.51
N LEU A 370 -39.30 -12.32 -26.69
CA LEU A 370 -38.26 -11.30 -26.84
C LEU A 370 -36.88 -11.91 -26.67
N ASN A 371 -35.87 -11.28 -27.24
CA ASN A 371 -34.48 -11.67 -27.01
C ASN A 371 -33.75 -10.48 -26.36
N TYR A 372 -32.45 -10.60 -26.13
CA TYR A 372 -31.75 -9.53 -25.44
C TYR A 372 -31.67 -8.27 -26.26
N PHE A 373 -31.60 -8.43 -27.58
CA PHE A 373 -31.35 -7.28 -28.46
C PHE A 373 -32.56 -6.41 -28.64
N ASN A 374 -33.70 -7.01 -28.96
CA ASN A 374 -34.91 -6.19 -29.09
C ASN A 374 -35.41 -5.66 -27.73
N ALA A 375 -35.33 -6.45 -26.67
CA ALA A 375 -35.67 -5.95 -25.33
C ALA A 375 -34.80 -4.75 -24.94
N LEU A 376 -33.50 -4.87 -25.09
CA LEU A 376 -32.62 -3.75 -24.67
C LEU A 376 -32.73 -2.53 -25.60
N SER A 377 -33.10 -2.78 -26.85
CA SER A 377 -33.44 -1.66 -27.75
C SER A 377 -34.62 -0.84 -27.20
N ALA A 378 -35.63 -1.52 -26.67
CA ALA A 378 -36.76 -0.84 -26.05
C ALA A 378 -36.31 -0.07 -24.80
N VAL A 379 -35.44 -0.70 -24.00
CA VAL A 379 -34.89 -0.03 -22.82
C VAL A 379 -34.11 1.22 -23.25
N ARG A 380 -33.24 1.06 -24.24
CA ARG A 380 -32.43 2.14 -24.78
C ARG A 380 -33.30 3.33 -25.20
N ASP A 381 -34.39 3.05 -25.92
CA ASP A 381 -35.35 4.10 -26.34
C ASP A 381 -35.85 4.97 -25.18
N VAL A 382 -36.18 4.33 -24.06
CA VAL A 382 -36.65 5.06 -22.89
C VAL A 382 -35.50 5.80 -22.20
N LEU A 383 -34.38 5.13 -22.02
CA LEU A 383 -33.31 5.74 -21.23
C LEU A 383 -32.71 6.96 -21.90
N ARG A 384 -32.65 6.94 -23.23
CA ARG A 384 -32.22 8.09 -24.05
C ARG A 384 -32.91 9.38 -23.62
N GLU A 385 -34.16 9.25 -23.18
CA GLU A 385 -35.00 10.40 -22.86
C GLU A 385 -35.03 10.72 -21.36
N ASN A 386 -34.18 10.04 -20.61
CA ASN A 386 -34.11 10.18 -19.15
C ASN A 386 -32.64 10.11 -18.77
N GLN A 387 -31.87 11.08 -19.24
CA GLN A 387 -30.42 11.03 -19.07
C GLN A 387 -30.00 11.37 -17.63
N ASP A 388 -30.97 11.65 -16.77
CA ASP A 388 -30.74 11.89 -15.33
C ASP A 388 -30.66 10.60 -14.49
N ILE A 389 -30.88 9.45 -15.13
CA ILE A 389 -30.98 8.21 -14.32
C ILE A 389 -29.61 7.61 -14.04
N TYR A 390 -29.55 6.77 -13.00
CA TYR A 390 -28.40 5.90 -12.76
C TYR A 390 -28.75 4.51 -13.26
N LEU A 391 -27.78 3.85 -13.86
CA LEU A 391 -27.99 2.52 -14.41
C LEU A 391 -27.20 1.49 -13.61
N VAL A 392 -27.92 0.58 -12.96
CA VAL A 392 -27.28 -0.58 -12.32
C VAL A 392 -27.52 -1.81 -13.22
N ASN A 393 -26.53 -2.70 -13.31
CA ASN A 393 -26.59 -3.78 -14.30
C ASN A 393 -25.78 -5.00 -13.82
N GLU A 394 -26.40 -6.18 -13.89
CA GLU A 394 -25.69 -7.43 -13.54
C GLU A 394 -26.41 -8.61 -14.16
N GLY A 395 -25.68 -9.71 -14.29
CA GLY A 395 -26.12 -10.87 -15.05
C GLY A 395 -24.94 -11.32 -15.89
N ALA A 396 -25.20 -12.21 -16.85
CA ALA A 396 -24.17 -12.61 -17.81
C ALA A 396 -24.59 -12.02 -19.16
N ASN A 397 -25.52 -12.67 -19.85
CA ASN A 397 -26.07 -12.07 -21.08
C ASN A 397 -26.69 -10.71 -20.82
N THR A 398 -27.41 -10.58 -19.69
CA THR A 398 -28.03 -9.31 -19.36
C THR A 398 -27.00 -8.19 -19.16
N LEU A 399 -25.85 -8.58 -18.64
CA LEU A 399 -24.78 -7.61 -18.40
C LEU A 399 -24.10 -7.23 -19.72
N ASP A 400 -23.62 -8.22 -20.46
CA ASP A 400 -22.86 -7.94 -21.68
C ASP A 400 -23.68 -7.18 -22.71
N ASN A 401 -24.91 -7.61 -22.95
CA ASN A 401 -25.74 -6.91 -23.93
C ASN A 401 -26.12 -5.50 -23.49
N ALA A 402 -26.45 -5.32 -22.22
CA ALA A 402 -26.81 -3.97 -21.75
C ALA A 402 -25.60 -3.02 -21.82
N ARG A 403 -24.41 -3.54 -21.50
CA ARG A 403 -23.19 -2.73 -21.60
C ARG A 403 -22.99 -2.22 -23.03
N ASN A 404 -23.22 -3.10 -23.99
CA ASN A 404 -23.04 -2.74 -25.40
C ASN A 404 -24.10 -1.84 -25.94
N ILE A 405 -25.34 -2.08 -25.52
CA ILE A 405 -26.50 -1.43 -26.17
C ILE A 405 -26.93 -0.11 -25.49
N ILE A 406 -26.88 -0.05 -24.17
CA ILE A 406 -27.33 1.16 -23.47
C ILE A 406 -26.18 2.15 -23.39
N ASP A 407 -26.28 3.21 -24.19
CA ASP A 407 -25.34 4.33 -24.15
C ASP A 407 -25.47 5.20 -22.91
N MET A 408 -24.33 5.54 -22.32
CA MET A 408 -24.30 6.45 -21.20
C MET A 408 -23.96 7.85 -21.74
N TYR A 409 -24.63 8.85 -21.19
CA TYR A 409 -24.45 10.26 -21.65
C TYR A 409 -23.75 11.13 -20.63
N LYS A 410 -23.73 10.67 -19.38
CA LYS A 410 -23.12 11.41 -18.28
C LYS A 410 -22.22 10.47 -17.51
N PRO A 411 -21.17 11.01 -16.87
CA PRO A 411 -20.25 10.12 -16.20
C PRO A 411 -20.76 9.57 -14.87
N ARG A 412 -20.17 8.46 -14.44
CA ARG A 412 -20.45 7.89 -13.11
C ARG A 412 -21.94 7.60 -12.93
N ARG A 413 -22.58 7.06 -13.97
CA ARG A 413 -23.99 6.72 -13.86
C ARG A 413 -24.18 5.22 -14.01
N ARG A 414 -23.11 4.49 -14.31
CA ARG A 414 -23.22 3.06 -14.59
C ARG A 414 -22.49 2.27 -13.50
N LEU A 415 -23.20 1.34 -12.84
CA LEU A 415 -22.59 0.56 -11.75
C LEU A 415 -22.85 -0.92 -12.02
N ASP A 416 -21.82 -1.76 -12.02
CA ASP A 416 -22.04 -3.15 -12.40
C ASP A 416 -21.18 -4.17 -11.64
N CYS A 417 -21.18 -5.40 -12.12
CA CYS A 417 -20.49 -6.53 -11.46
C CYS A 417 -19.01 -6.25 -11.18
N GLY A 418 -18.40 -5.38 -11.97
CA GLY A 418 -17.05 -4.91 -11.68
C GLY A 418 -15.94 -5.96 -11.84
N THR A 419 -14.81 -5.70 -11.19
CA THR A 419 -13.57 -6.41 -11.42
C THR A 419 -13.65 -7.91 -11.03
N TRP A 420 -14.40 -8.23 -9.98
CA TRP A 420 -14.57 -9.63 -9.54
C TRP A 420 -15.81 -10.29 -10.12
N GLY A 421 -16.51 -9.57 -11.00
CA GLY A 421 -17.73 -10.12 -11.66
C GLY A 421 -18.74 -10.66 -10.66
N VAL A 422 -19.04 -9.89 -9.62
CA VAL A 422 -19.92 -10.33 -8.53
C VAL A 422 -21.39 -10.26 -8.96
N MET A 423 -22.12 -11.37 -8.84
CA MET A 423 -23.58 -11.26 -8.88
C MET A 423 -24.00 -10.96 -7.45
N GLY A 424 -24.88 -9.97 -7.29
CA GLY A 424 -25.40 -9.65 -5.97
C GLY A 424 -25.21 -8.21 -5.60
N ILE A 425 -24.59 -7.45 -6.51
CA ILE A 425 -24.43 -6.01 -6.27
C ILE A 425 -25.64 -5.14 -6.61
N GLY A 426 -26.67 -5.72 -7.23
CA GLY A 426 -27.68 -4.88 -7.90
C GLY A 426 -28.50 -4.02 -6.96
N MET A 427 -29.08 -4.63 -5.94
CA MET A 427 -29.96 -3.88 -5.06
C MET A 427 -29.19 -2.88 -4.22
N GLY A 428 -28.02 -3.29 -3.75
CA GLY A 428 -27.18 -2.43 -2.93
C GLY A 428 -26.70 -1.22 -3.73
N TYR A 429 -26.17 -1.48 -4.93
CA TYR A 429 -25.76 -0.39 -5.83
C TYR A 429 -26.93 0.55 -6.14
N ALA A 430 -28.12 -0.01 -6.37
CA ALA A 430 -29.29 0.83 -6.65
C ALA A 430 -29.67 1.72 -5.46
N ILE A 431 -29.69 1.12 -4.27
CA ILE A 431 -30.00 1.87 -3.07
C ILE A 431 -28.93 2.96 -2.81
N GLY A 432 -27.64 2.60 -2.91
CA GLY A 432 -26.56 3.58 -2.73
C GLY A 432 -26.62 4.73 -3.74
N ALA A 433 -26.88 4.40 -5.01
CA ALA A 433 -26.96 5.43 -6.04
C ALA A 433 -28.16 6.34 -5.80
N SER A 434 -29.29 5.75 -5.47
CA SER A 434 -30.50 6.55 -5.22
C SER A 434 -30.37 7.47 -4.00
N VAL A 435 -29.94 6.91 -2.87
CA VAL A 435 -29.75 7.70 -1.66
C VAL A 435 -28.69 8.82 -1.86
N THR A 436 -27.56 8.49 -2.50
CA THR A 436 -26.49 9.45 -2.76
C THR A 436 -26.94 10.62 -3.64
N SER A 437 -27.69 10.29 -4.70
CA SER A 437 -27.93 11.23 -5.79
C SER A 437 -29.28 11.94 -5.69
N GLY A 438 -30.24 11.29 -5.05
CA GLY A 438 -31.65 11.72 -5.13
C GLY A 438 -32.30 11.55 -6.50
N SER A 439 -31.62 10.84 -7.39
CA SER A 439 -32.09 10.61 -8.76
C SER A 439 -32.72 9.23 -8.93
N PRO A 440 -33.54 9.04 -9.98
CA PRO A 440 -34.08 7.71 -10.25
C PRO A 440 -32.98 6.74 -10.69
N VAL A 441 -33.20 5.49 -10.37
CA VAL A 441 -32.30 4.40 -10.76
C VAL A 441 -33.07 3.35 -11.56
N VAL A 442 -32.40 2.83 -12.59
CA VAL A 442 -32.89 1.69 -13.34
C VAL A 442 -31.89 0.56 -13.16
N ALA A 443 -32.35 -0.57 -12.62
CA ALA A 443 -31.48 -1.75 -12.48
C ALA A 443 -31.87 -2.79 -13.53
N ILE A 444 -30.95 -3.08 -14.43
CA ILE A 444 -31.18 -4.08 -15.46
C ILE A 444 -30.54 -5.37 -14.99
N GLU A 445 -31.39 -6.32 -14.56
CA GLU A 445 -30.92 -7.51 -13.82
C GLU A 445 -31.19 -8.81 -14.52
N GLY A 446 -30.18 -9.68 -14.60
CA GLY A 446 -30.46 -11.08 -14.93
C GLY A 446 -31.37 -11.67 -13.84
N ASP A 447 -32.15 -12.68 -14.18
CA ASP A 447 -32.98 -13.32 -13.13
C ASP A 447 -32.13 -14.06 -12.08
N SER A 448 -31.07 -14.76 -12.49
CA SER A 448 -30.18 -15.36 -11.47
C SER A 448 -29.51 -14.24 -10.65
N ALA A 449 -28.90 -13.28 -11.31
CA ALA A 449 -28.26 -12.17 -10.57
C ALA A 449 -29.23 -11.57 -9.52
N PHE A 450 -30.47 -11.27 -9.91
CA PHE A 450 -31.41 -10.61 -9.03
C PHE A 450 -31.59 -11.40 -7.73
N GLY A 451 -31.63 -12.72 -7.83
CA GLY A 451 -31.82 -13.61 -6.68
C GLY A 451 -30.80 -13.42 -5.56
N PHE A 452 -29.61 -12.92 -5.89
CA PHE A 452 -28.57 -12.72 -4.85
C PHE A 452 -28.86 -11.59 -3.86
N SER A 453 -29.71 -10.62 -4.21
CA SER A 453 -30.00 -9.51 -3.32
C SER A 453 -31.47 -9.11 -3.32
N GLY A 454 -32.32 -9.97 -3.85
CA GLY A 454 -33.71 -9.59 -4.13
C GLY A 454 -34.54 -9.15 -2.94
N MET A 455 -34.23 -9.64 -1.73
CA MET A 455 -35.04 -9.22 -0.55
C MET A 455 -34.93 -7.71 -0.26
N GLU A 456 -33.88 -7.07 -0.80
CA GLU A 456 -33.73 -5.62 -0.61
C GLU A 456 -34.81 -4.80 -1.35
N ILE A 457 -35.66 -5.46 -2.12
CA ILE A 457 -36.82 -4.72 -2.64
C ILE A 457 -37.65 -4.16 -1.48
N GLU A 458 -37.68 -4.86 -0.36
CA GLU A 458 -38.35 -4.30 0.82
C GLU A 458 -37.69 -3.02 1.32
N THR A 459 -36.35 -2.99 1.34
CA THR A 459 -35.65 -1.79 1.71
C THR A 459 -35.97 -0.62 0.79
N ILE A 460 -35.98 -0.90 -0.50
CA ILE A 460 -36.37 0.11 -1.52
C ILE A 460 -37.78 0.66 -1.22
N CYS A 461 -38.72 -0.23 -0.96
CA CYS A 461 -40.09 0.21 -0.58
C CYS A 461 -40.14 0.99 0.74
N ARG A 462 -39.40 0.50 1.75
CA ARG A 462 -39.36 1.12 3.07
C ARG A 462 -38.94 2.60 3.01
N TYR A 463 -37.99 2.90 2.13
CA TYR A 463 -37.47 4.26 1.96
C TYR A 463 -38.07 5.00 0.75
N ASN A 464 -39.08 4.37 0.13
CA ASN A 464 -39.75 4.93 -1.06
C ASN A 464 -38.75 5.43 -2.11
N LEU A 465 -37.79 4.58 -2.47
CA LEU A 465 -36.72 5.00 -3.39
C LEU A 465 -37.19 4.79 -4.82
N PRO A 466 -36.87 5.74 -5.73
CA PRO A 466 -37.28 5.66 -7.14
C PRO A 466 -36.42 4.67 -7.95
N VAL A 467 -36.60 3.38 -7.69
CA VAL A 467 -35.81 2.35 -8.36
C VAL A 467 -36.77 1.53 -9.19
N THR A 468 -36.48 1.46 -10.48
CA THR A 468 -37.19 0.55 -11.39
C THR A 468 -36.26 -0.62 -11.71
N ILE A 469 -36.68 -1.82 -11.30
CA ILE A 469 -35.90 -3.06 -11.49
C ILE A 469 -36.47 -3.84 -12.68
N VAL A 470 -35.63 -3.96 -13.72
CA VAL A 470 -36.02 -4.63 -14.96
C VAL A 470 -35.35 -5.99 -15.00
N ILE A 471 -36.13 -7.04 -14.78
CA ILE A 471 -35.54 -8.39 -14.73
C ILE A 471 -35.71 -9.10 -16.06
N PHE A 472 -34.57 -9.50 -16.62
CA PHE A 472 -34.53 -10.25 -17.87
C PHE A 472 -34.72 -11.73 -17.52
N ASN A 473 -35.98 -12.14 -17.57
CA ASN A 473 -36.38 -13.45 -17.06
C ASN A 473 -36.30 -14.47 -18.18
N ASN A 474 -35.12 -15.06 -18.37
CA ASN A 474 -34.95 -16.14 -19.36
C ASN A 474 -35.07 -17.51 -18.71
N GLY A 475 -35.42 -17.55 -17.42
CA GLY A 475 -35.64 -18.83 -16.73
C GLY A 475 -34.38 -19.55 -16.28
N GLY A 476 -33.30 -18.79 -16.11
CA GLY A 476 -32.09 -19.41 -15.62
C GLY A 476 -30.77 -18.68 -15.71
N ILE A 477 -29.73 -19.41 -15.33
CA ILE A 477 -28.34 -18.95 -15.36
C ILE A 477 -27.82 -19.14 -16.79
N TYR A 478 -27.67 -18.01 -17.50
CA TYR A 478 -27.29 -17.92 -18.94
C TYR A 478 -28.44 -18.24 -19.88
N ARG A 479 -29.08 -19.38 -19.64
CA ARG A 479 -30.18 -19.92 -20.46
C ARG A 479 -31.22 -20.59 -19.56
N GLY A 480 -32.43 -20.80 -20.10
CA GLY A 480 -33.50 -21.43 -19.34
C GLY A 480 -33.99 -22.74 -19.96
N ASP A 481 -33.23 -23.29 -20.89
CA ASP A 481 -33.67 -24.50 -21.60
C ASP A 481 -32.78 -25.70 -21.34
N GLY A 482 -32.15 -25.73 -20.17
CA GLY A 482 -31.31 -26.88 -19.77
C GLY A 482 -32.13 -28.15 -19.53
N VAL A 483 -31.44 -29.28 -19.57
CA VAL A 483 -32.08 -30.58 -19.39
C VAL A 483 -31.26 -31.42 -18.43
N ASP A 484 -31.94 -32.07 -17.48
CA ASP A 484 -31.35 -33.06 -16.57
C ASP A 484 -30.83 -34.24 -17.41
N LEU A 485 -29.51 -34.39 -17.46
CA LEU A 485 -28.88 -35.40 -18.35
C LEU A 485 -29.05 -36.83 -17.86
N SER A 486 -29.57 -37.01 -16.64
CA SER A 486 -29.85 -38.35 -16.13
C SER A 486 -31.13 -38.94 -16.73
N GLY A 487 -31.98 -38.07 -17.29
CA GLY A 487 -33.31 -38.47 -17.76
C GLY A 487 -34.39 -38.40 -16.71
N ALA A 488 -34.03 -38.06 -15.48
CA ALA A 488 -34.98 -38.01 -14.35
C ALA A 488 -35.96 -36.82 -14.38
N GLY A 489 -35.72 -35.84 -15.24
CA GLY A 489 -36.64 -34.72 -15.35
C GLY A 489 -36.51 -33.63 -14.28
N ALA A 490 -35.41 -33.63 -13.52
CA ALA A 490 -35.22 -32.59 -12.49
C ALA A 490 -34.79 -31.28 -13.16
N PRO A 491 -34.93 -30.14 -12.48
CA PRO A 491 -34.37 -28.92 -13.09
C PRO A 491 -32.86 -29.12 -13.32
N SER A 492 -32.32 -28.64 -14.44
CA SER A 492 -30.84 -28.73 -14.63
C SER A 492 -30.20 -27.71 -13.70
N PRO A 493 -28.86 -27.83 -13.49
CA PRO A 493 -28.17 -26.94 -12.55
C PRO A 493 -28.29 -25.44 -12.90
N THR A 494 -28.67 -25.12 -14.13
CA THR A 494 -28.79 -23.74 -14.56
C THR A 494 -30.25 -23.24 -14.65
N ASP A 495 -31.21 -24.13 -14.43
CA ASP A 495 -32.62 -23.74 -14.60
C ASP A 495 -33.13 -23.09 -13.32
N LEU A 496 -33.90 -22.02 -13.49
CA LEU A 496 -34.70 -21.50 -12.39
C LEU A 496 -36.14 -21.85 -12.71
N LEU A 497 -37.07 -21.50 -11.81
CA LEU A 497 -38.47 -21.86 -12.00
C LEU A 497 -38.96 -21.34 -13.35
N HIS A 498 -39.69 -22.21 -14.07
CA HIS A 498 -40.30 -21.81 -15.34
C HIS A 498 -41.35 -20.72 -15.11
N HIS A 499 -41.24 -19.63 -15.86
CA HIS A 499 -42.24 -18.54 -15.83
C HIS A 499 -42.51 -17.97 -14.43
N ALA A 500 -41.45 -17.82 -13.64
CA ALA A 500 -41.61 -17.08 -12.39
C ALA A 500 -42.06 -15.67 -12.73
N ARG A 501 -42.87 -15.11 -11.84
CA ARG A 501 -43.41 -13.78 -12.05
C ARG A 501 -42.84 -12.86 -10.98
N TYR A 502 -41.61 -12.41 -11.20
CA TYR A 502 -40.93 -11.57 -10.19
C TYR A 502 -41.65 -10.26 -9.87
N ASP A 503 -42.39 -9.71 -10.85
CA ASP A 503 -43.19 -8.51 -10.61
C ASP A 503 -44.14 -8.65 -9.42
N LYS A 504 -44.61 -9.86 -9.20
CA LYS A 504 -45.53 -10.13 -8.08
C LYS A 504 -44.89 -9.97 -6.70
N LEU A 505 -43.57 -10.10 -6.62
CA LEU A 505 -42.92 -9.85 -5.32
C LEU A 505 -43.22 -8.48 -4.74
N MET A 506 -43.41 -7.48 -5.59
CA MET A 506 -43.68 -6.13 -5.07
C MET A 506 -45.00 -6.04 -4.29
N ASP A 507 -45.94 -6.94 -4.54
CA ASP A 507 -47.22 -6.91 -3.81
C ASP A 507 -47.03 -7.02 -2.29
N ALA A 508 -46.06 -7.81 -1.85
CA ALA A 508 -45.74 -7.96 -0.42
C ALA A 508 -45.43 -6.62 0.25
N PHE A 509 -44.87 -5.66 -0.50
CA PHE A 509 -44.33 -4.45 0.09
C PHE A 509 -44.97 -3.19 -0.46
N ARG A 510 -46.11 -3.38 -1.13
CA ARG A 510 -46.91 -2.29 -1.69
C ARG A 510 -46.16 -1.49 -2.76
N GLY A 511 -45.28 -2.18 -3.48
CA GLY A 511 -44.62 -1.62 -4.64
C GLY A 511 -45.46 -1.89 -5.87
N VAL A 512 -44.89 -1.57 -7.04
CA VAL A 512 -45.54 -1.72 -8.33
C VAL A 512 -44.89 -2.85 -9.10
N GLY A 513 -45.72 -3.66 -9.78
CA GLY A 513 -45.23 -4.69 -10.66
C GLY A 513 -45.84 -4.64 -12.04
N TYR A 514 -45.02 -4.90 -13.05
CA TYR A 514 -45.47 -5.07 -14.45
C TYR A 514 -44.90 -6.36 -15.01
N ASN A 515 -45.71 -7.09 -15.76
CA ASN A 515 -45.21 -8.23 -16.51
C ASN A 515 -45.28 -7.89 -17.98
N VAL A 516 -44.16 -8.07 -18.68
CA VAL A 516 -44.09 -7.62 -20.08
C VAL A 516 -43.54 -8.72 -21.01
N THR A 517 -44.21 -8.88 -22.16
CA THR A 517 -43.78 -9.90 -23.12
C THR A 517 -43.49 -9.28 -24.49
N THR A 518 -43.77 -7.99 -24.64
CA THR A 518 -43.48 -7.28 -25.91
C THR A 518 -42.64 -6.03 -25.68
N THR A 519 -42.02 -5.52 -26.75
CA THR A 519 -41.24 -4.27 -26.60
C THR A 519 -42.11 -3.06 -26.31
N ASP A 520 -43.31 -2.99 -26.89
CA ASP A 520 -44.20 -1.88 -26.57
C ASP A 520 -44.63 -1.89 -25.09
N GLU A 521 -44.89 -3.08 -24.57
CA GLU A 521 -45.24 -3.21 -23.15
C GLU A 521 -44.07 -2.78 -22.27
N LEU A 522 -42.86 -3.20 -22.67
CA LEU A 522 -41.65 -2.86 -21.92
C LEU A 522 -41.42 -1.36 -21.94
N ARG A 523 -41.59 -0.74 -23.11
CA ARG A 523 -41.43 0.71 -23.24
C ARG A 523 -42.36 1.42 -22.28
N HIS A 524 -43.63 1.03 -22.27
CA HIS A 524 -44.62 1.71 -21.46
C HIS A 524 -44.32 1.54 -19.97
N ALA A 525 -44.02 0.30 -19.58
CA ALA A 525 -43.79 -0.04 -18.17
C ALA A 525 -42.57 0.71 -17.62
N LEU A 526 -41.48 0.73 -18.40
CA LEU A 526 -40.26 1.40 -17.98
C LEU A 526 -40.45 2.91 -17.92
N THR A 527 -41.14 3.48 -18.91
CA THR A 527 -41.42 4.92 -18.91
C THR A 527 -42.23 5.28 -17.65
N THR A 528 -43.29 4.53 -17.41
CA THR A 528 -44.14 4.75 -16.24
C THR A 528 -43.40 4.59 -14.92
N GLY A 529 -42.56 3.54 -14.83
CA GLY A 529 -41.76 3.30 -13.64
C GLY A 529 -40.85 4.48 -13.29
N ILE A 530 -40.07 4.94 -14.28
CA ILE A 530 -39.17 6.08 -14.04
C ILE A 530 -39.99 7.31 -13.69
N GLN A 531 -41.01 7.61 -14.49
CA GLN A 531 -41.79 8.83 -14.23
C GLN A 531 -42.50 8.83 -12.87
N SER A 532 -42.99 7.67 -12.44
CA SER A 532 -43.79 7.59 -11.23
C SER A 532 -42.94 7.80 -9.96
N ARG A 533 -41.64 7.53 -10.11
CA ARG A 533 -40.70 7.52 -8.96
C ARG A 533 -41.05 6.46 -7.92
N LYS A 534 -41.92 5.52 -8.27
CA LYS A 534 -42.30 4.46 -7.32
C LYS A 534 -41.39 3.24 -7.46
N PRO A 535 -41.10 2.55 -6.34
CA PRO A 535 -40.43 1.25 -6.44
C PRO A 535 -41.22 0.32 -7.36
N THR A 536 -40.55 -0.19 -8.39
CA THR A 536 -41.22 -0.95 -9.45
C THR A 536 -40.37 -2.14 -9.88
N ILE A 537 -41.00 -3.29 -10.08
CA ILE A 537 -40.34 -4.40 -10.75
C ILE A 537 -41.02 -4.65 -12.08
N ILE A 538 -40.22 -4.78 -13.14
CA ILE A 538 -40.73 -5.17 -14.44
C ILE A 538 -40.18 -6.56 -14.76
N ASN A 539 -41.06 -7.54 -14.87
CA ASN A 539 -40.67 -8.90 -15.25
C ASN A 539 -40.70 -8.99 -16.78
N VAL A 540 -39.53 -9.14 -17.41
CA VAL A 540 -39.46 -9.23 -18.87
C VAL A 540 -39.30 -10.68 -19.29
N VAL A 541 -40.27 -11.20 -20.06
CA VAL A 541 -40.16 -12.58 -20.55
C VAL A 541 -39.19 -12.65 -21.71
N ILE A 542 -38.06 -13.30 -21.48
CA ILE A 542 -36.98 -13.45 -22.46
C ILE A 542 -36.92 -14.91 -22.93
N ASP A 543 -36.69 -15.11 -24.22
CA ASP A 543 -36.54 -16.43 -24.81
C ASP A 543 -35.48 -17.22 -24.03
N PRO A 544 -35.85 -18.40 -23.48
CA PRO A 544 -34.90 -19.20 -22.68
C PRO A 544 -33.67 -19.65 -23.46
N ALA A 545 -33.77 -19.63 -24.78
CA ALA A 545 -32.70 -20.08 -25.66
C ALA A 545 -31.87 -18.93 -26.19
N ALA A 546 -32.22 -17.69 -25.85
CA ALA A 546 -31.53 -16.54 -26.46
C ALA A 546 -30.09 -16.38 -25.98
N GLY A 547 -29.86 -16.72 -24.71
CA GLY A 547 -28.53 -16.46 -24.11
C GLY A 547 -27.45 -17.46 -24.52
N THR A 548 -26.19 -17.06 -24.30
CA THR A 548 -25.02 -17.92 -24.46
C THR A 548 -24.51 -18.27 -23.06
N GLU A 549 -24.06 -19.51 -22.88
CA GLU A 549 -23.41 -19.92 -21.65
C GLU A 549 -21.92 -19.61 -21.70
N SER A 550 -21.46 -18.77 -20.77
CA SER A 550 -20.07 -18.37 -20.72
C SER A 550 -19.19 -19.55 -20.37
N GLY A 551 -17.94 -19.50 -20.84
CA GLY A 551 -16.96 -20.48 -20.42
C GLY A 551 -16.37 -21.26 -21.57
N HIS A 552 -15.38 -22.06 -21.25
CA HIS A 552 -14.63 -22.85 -22.23
C HIS A 552 -15.46 -24.04 -22.71
N ILE A 553 -15.47 -24.22 -24.03
CA ILE A 553 -16.18 -25.32 -24.68
C ILE A 553 -15.17 -26.46 -24.87
N THR A 554 -15.42 -27.56 -24.17
CA THR A 554 -14.52 -28.71 -24.14
C THR A 554 -14.30 -29.35 -25.52
N LEU B 5 18.75 -25.42 -32.28
CA LEU B 5 17.73 -24.68 -31.47
C LEU B 5 18.08 -24.69 -29.98
N GLN B 6 18.62 -23.57 -29.51
CA GLN B 6 19.19 -23.50 -28.17
C GLN B 6 18.08 -23.35 -27.12
N MET B 7 18.21 -24.11 -26.04
CA MET B 7 17.26 -24.05 -24.92
C MET B 7 17.92 -23.41 -23.71
N THR B 8 17.09 -22.92 -22.80
CA THR B 8 17.56 -22.43 -21.53
C THR B 8 16.57 -22.89 -20.47
N ASP B 9 16.80 -22.55 -19.21
CA ASP B 9 15.84 -22.91 -18.18
C ASP B 9 15.53 -21.73 -17.25
N GLY B 10 14.56 -21.93 -16.37
CA GLY B 10 14.18 -20.89 -15.39
C GLY B 10 15.34 -20.30 -14.63
N MET B 11 16.28 -21.13 -14.21
CA MET B 11 17.39 -20.66 -13.39
C MET B 11 18.26 -19.68 -14.18
N HIS B 12 18.51 -20.02 -15.44
CA HIS B 12 19.27 -19.14 -16.33
C HIS B 12 18.50 -17.84 -16.62
N ILE B 13 17.19 -17.96 -16.83
CA ILE B 13 16.35 -16.79 -17.10
C ILE B 13 16.40 -15.77 -15.95
N ILE B 14 16.19 -16.25 -14.71
CA ILE B 14 16.15 -15.33 -13.56
C ILE B 14 17.50 -14.64 -13.34
N VAL B 15 18.60 -15.39 -13.52
CA VAL B 15 19.94 -14.80 -13.41
C VAL B 15 20.10 -13.69 -14.45
N GLU B 16 19.75 -13.98 -15.71
CA GLU B 16 19.83 -12.96 -16.77
C GLU B 16 18.96 -11.73 -16.42
N ALA B 17 17.75 -11.96 -15.90
CA ALA B 17 16.89 -10.86 -15.44
C ALA B 17 17.54 -10.02 -14.32
N LEU B 18 18.19 -10.68 -13.37
CA LEU B 18 18.88 -9.98 -12.30
C LEU B 18 20.02 -9.12 -12.91
N LYS B 19 20.74 -9.73 -13.85
CA LYS B 19 21.87 -9.06 -14.52
C LYS B 19 21.43 -7.80 -15.25
N GLN B 20 20.36 -7.96 -16.04
CA GLN B 20 19.85 -6.85 -16.83
C GLN B 20 19.36 -5.69 -15.96
N ASN B 21 18.96 -6.00 -14.72
CA ASN B 21 18.48 -5.01 -13.79
C ASN B 21 19.53 -4.50 -12.82
N ASN B 22 20.78 -4.70 -13.22
CA ASN B 22 21.94 -4.18 -12.51
C ASN B 22 22.13 -4.67 -11.07
N ILE B 23 21.70 -5.90 -10.82
CA ILE B 23 22.03 -6.56 -9.57
C ILE B 23 23.48 -7.00 -9.65
N ASP B 24 24.29 -6.48 -8.73
CA ASP B 24 25.73 -6.75 -8.68
C ASP B 24 26.10 -7.79 -7.63
N THR B 25 25.25 -7.97 -6.61
CA THR B 25 25.59 -8.79 -5.46
C THR B 25 24.36 -9.55 -5.00
N ILE B 26 24.56 -10.80 -4.61
CA ILE B 26 23.51 -11.58 -3.91
C ILE B 26 24.04 -12.04 -2.57
N TYR B 27 23.22 -11.85 -1.54
CA TYR B 27 23.55 -12.26 -0.18
C TYR B 27 22.70 -13.48 0.14
N GLY B 28 23.30 -14.60 0.54
CA GLY B 28 22.43 -15.78 0.75
C GLY B 28 22.99 -16.92 1.56
N VAL B 29 22.21 -18.00 1.62
CA VAL B 29 22.69 -19.30 2.09
C VAL B 29 22.11 -20.32 1.12
N VAL B 30 22.94 -21.20 0.59
CA VAL B 30 22.48 -22.16 -0.44
C VAL B 30 22.04 -23.51 0.15
N GLY B 31 21.77 -24.45 -0.75
CA GLY B 31 21.09 -25.70 -0.45
C GLY B 31 20.01 -25.91 -1.49
N ILE B 32 19.33 -27.05 -1.43
CA ILE B 32 18.27 -27.36 -2.41
C ILE B 32 17.14 -26.32 -2.28
N PRO B 33 16.62 -25.80 -3.42
CA PRO B 33 16.94 -26.00 -4.82
C PRO B 33 17.70 -24.83 -5.48
N VAL B 34 18.51 -24.09 -4.71
CA VAL B 34 19.08 -22.81 -5.22
C VAL B 34 20.60 -22.81 -5.40
N THR B 35 21.26 -23.90 -5.07
CA THR B 35 22.74 -23.95 -5.17
C THR B 35 23.20 -23.64 -6.58
N ASP B 36 22.63 -24.32 -7.58
CA ASP B 36 22.98 -24.09 -8.98
C ASP B 36 22.75 -22.63 -9.38
N MET B 37 21.65 -22.04 -8.90
CA MET B 37 21.37 -20.64 -9.22
C MET B 37 22.49 -19.71 -8.72
N ALA B 38 22.90 -19.91 -7.48
CA ALA B 38 23.98 -19.12 -6.90
C ALA B 38 25.27 -19.32 -7.68
N ARG B 39 25.57 -20.57 -8.02
CA ARG B 39 26.78 -20.90 -8.78
C ARG B 39 26.76 -20.19 -10.11
N HIS B 40 25.60 -20.19 -10.77
CA HIS B 40 25.49 -19.61 -12.08
C HIS B 40 25.49 -18.09 -12.02
N ALA B 41 24.82 -17.52 -11.01
CA ALA B 41 24.88 -16.07 -10.81
C ALA B 41 26.33 -15.62 -10.66
N GLN B 42 27.07 -16.34 -9.83
CA GLN B 42 28.51 -16.06 -9.65
C GLN B 42 29.30 -16.22 -10.96
N ALA B 43 29.03 -17.29 -11.71
CA ALA B 43 29.60 -17.48 -13.09
C ALA B 43 29.38 -16.28 -13.99
N GLU B 44 28.18 -15.70 -13.91
CA GLU B 44 27.78 -14.57 -14.74
C GLU B 44 28.26 -13.21 -14.22
N GLY B 45 29.07 -13.21 -13.18
CA GLY B 45 29.68 -11.97 -12.68
C GLY B 45 29.03 -11.30 -11.48
N ILE B 46 27.94 -11.87 -10.97
CA ILE B 46 27.33 -11.36 -9.75
C ILE B 46 28.16 -11.82 -8.57
N ARG B 47 28.48 -10.90 -7.66
CA ARG B 47 29.19 -11.22 -6.44
C ARG B 47 28.26 -11.99 -5.50
N TYR B 48 28.64 -13.21 -5.15
CA TYR B 48 27.90 -14.00 -4.17
C TYR B 48 28.56 -13.96 -2.80
N ILE B 49 27.76 -13.58 -1.80
CA ILE B 49 28.17 -13.54 -0.39
C ILE B 49 27.34 -14.56 0.40
N GLY B 50 28.00 -15.62 0.85
CA GLY B 50 27.34 -16.68 1.63
C GLY B 50 27.57 -16.52 3.11
N PHE B 51 26.47 -16.63 3.87
CA PHE B 51 26.43 -16.39 5.29
C PHE B 51 26.32 -17.66 6.11
N ARG B 52 26.36 -17.52 7.43
CA ARG B 52 26.22 -18.68 8.32
C ARG B 52 24.77 -18.89 8.75
N HIS B 53 23.92 -17.89 8.45
CA HIS B 53 22.49 -17.91 8.84
C HIS B 53 21.77 -16.91 7.93
N GLU B 54 20.59 -17.27 7.43
CA GLU B 54 19.88 -16.42 6.46
C GLU B 54 19.47 -15.06 7.03
N GLN B 55 19.25 -14.97 8.33
CA GLN B 55 18.84 -13.71 8.98
C GLN B 55 19.87 -12.63 8.66
N SER B 56 21.16 -12.95 8.81
CA SER B 56 22.19 -11.97 8.50
C SER B 56 22.29 -11.66 7.01
N ALA B 57 22.04 -12.67 6.18
CA ALA B 57 22.01 -12.47 4.74
C ALA B 57 20.92 -11.44 4.41
N GLY B 58 19.77 -11.57 5.06
CA GLY B 58 18.63 -10.66 4.83
C GLY B 58 18.89 -9.24 5.35
N TYR B 59 19.54 -9.15 6.50
CA TYR B 59 19.95 -7.87 7.06
C TYR B 59 20.95 -7.18 6.14
N ALA B 60 21.94 -7.92 5.62
CA ALA B 60 22.88 -7.36 4.65
C ALA B 60 22.19 -6.79 3.41
N ALA B 61 21.22 -7.54 2.87
CA ALA B 61 20.49 -7.08 1.71
C ALA B 61 19.74 -5.78 2.02
N ALA B 62 19.10 -5.73 3.18
CA ALA B 62 18.34 -4.55 3.59
C ALA B 62 19.27 -3.33 3.77
N ALA B 63 20.42 -3.55 4.39
CA ALA B 63 21.40 -2.46 4.54
C ALA B 63 21.78 -1.88 3.20
N SER B 64 22.09 -2.75 2.24
CA SER B 64 22.50 -2.34 0.89
C SER B 64 21.39 -1.52 0.22
N GLY B 65 20.15 -1.96 0.39
CA GLY B 65 18.99 -1.18 -0.08
C GLY B 65 18.86 0.22 0.51
N PHE B 66 18.99 0.35 1.82
CA PHE B 66 18.98 1.66 2.49
C PHE B 66 20.04 2.57 1.91
N LEU B 67 21.25 2.02 1.76
CA LEU B 67 22.38 2.82 1.27
C LEU B 67 22.30 3.28 -0.19
N THR B 68 21.55 2.56 -1.04
CA THR B 68 21.63 2.77 -2.49
C THR B 68 20.32 3.06 -3.24
N GLN B 69 19.19 2.76 -2.61
CA GLN B 69 17.86 2.86 -3.25
C GLN B 69 17.66 1.78 -4.34
N LYS B 70 18.59 0.83 -4.41
CA LYS B 70 18.45 -0.36 -5.27
C LYS B 70 18.20 -1.53 -4.31
N PRO B 71 17.17 -2.38 -4.58
CA PRO B 71 16.84 -3.40 -3.57
C PRO B 71 17.98 -4.39 -3.38
N GLY B 72 18.27 -4.70 -2.13
CA GLY B 72 19.23 -5.76 -1.81
C GLY B 72 18.57 -7.09 -2.16
N ILE B 73 19.39 -8.04 -2.60
CA ILE B 73 18.89 -9.37 -2.95
C ILE B 73 19.37 -10.43 -1.95
N CYS B 74 18.41 -11.13 -1.36
CA CYS B 74 18.68 -12.18 -0.39
C CYS B 74 18.17 -13.49 -0.99
N LEU B 75 19.05 -14.50 -1.02
CA LEU B 75 18.70 -15.81 -1.59
C LEU B 75 18.67 -16.90 -0.51
N THR B 76 17.55 -17.63 -0.44
CA THR B 76 17.42 -18.71 0.56
C THR B 76 16.85 -19.97 -0.08
N VAL B 77 16.98 -21.07 0.66
CA VAL B 77 16.30 -22.31 0.31
C VAL B 77 14.82 -22.26 0.74
N SER B 78 14.20 -23.43 0.68
CA SER B 78 12.79 -23.58 1.07
C SER B 78 12.61 -23.55 2.60
N ALA B 79 11.45 -23.99 3.09
CA ALA B 79 10.93 -23.70 4.43
C ALA B 79 11.92 -23.29 5.55
N PRO B 80 12.84 -24.19 5.98
CA PRO B 80 13.70 -23.84 7.12
C PRO B 80 14.59 -22.60 6.86
N GLY B 81 15.14 -22.47 5.66
CA GLY B 81 15.96 -21.31 5.30
C GLY B 81 15.10 -20.09 5.03
N PHE B 82 14.01 -20.33 4.30
CA PHE B 82 13.02 -19.28 4.07
C PHE B 82 12.60 -18.61 5.39
N LEU B 83 12.26 -19.39 6.40
CA LEU B 83 11.74 -18.80 7.64
C LEU B 83 12.79 -17.93 8.33
N ASN B 84 14.03 -18.39 8.31
CA ASN B 84 15.11 -17.58 8.85
C ASN B 84 15.25 -16.25 8.10
N GLY B 85 15.20 -16.31 6.79
CA GLY B 85 15.26 -15.09 5.94
C GLY B 85 14.05 -14.19 6.17
N LEU B 86 12.88 -14.80 6.38
CA LEU B 86 11.66 -14.03 6.57
C LEU B 86 11.74 -13.07 7.76
N THR B 87 12.37 -13.51 8.84
CA THR B 87 12.57 -12.63 10.00
C THR B 87 13.27 -11.33 9.59
N ALA B 88 14.26 -11.44 8.71
CA ALA B 88 14.97 -10.26 8.18
C ALA B 88 14.12 -9.48 7.19
N LEU B 89 13.37 -10.19 6.34
CA LEU B 89 12.45 -9.49 5.43
C LEU B 89 11.46 -8.61 6.20
N ALA B 90 10.95 -9.16 7.30
CA ALA B 90 10.02 -8.42 8.16
C ALA B 90 10.64 -7.14 8.69
N ASN B 91 11.89 -7.23 9.12
CA ASN B 91 12.59 -6.05 9.61
C ASN B 91 12.81 -4.99 8.53
N ALA B 92 13.10 -5.42 7.30
CA ALA B 92 13.24 -4.49 6.19
C ALA B 92 11.94 -3.73 5.94
N THR B 93 10.82 -4.47 5.96
CA THR B 93 9.53 -3.84 5.72
C THR B 93 9.17 -2.82 6.83
N VAL B 94 9.43 -3.20 8.08
CA VAL B 94 9.15 -2.32 9.23
C VAL B 94 9.98 -1.03 9.14
N ASN B 95 11.26 -1.17 8.78
CA ASN B 95 12.12 0.01 8.66
C ASN B 95 11.98 0.80 7.36
N GLY B 96 11.44 0.15 6.33
CA GLY B 96 11.29 0.76 5.02
C GLY B 96 12.53 0.65 4.15
N PHE B 97 13.22 -0.47 4.27
CA PHE B 97 14.43 -0.67 3.48
C PHE B 97 14.09 -1.58 2.30
N PRO B 98 14.49 -1.20 1.08
CA PRO B 98 14.09 -2.01 -0.07
C PRO B 98 14.93 -3.26 -0.21
N MET B 99 14.27 -4.41 -0.32
CA MET B 99 15.02 -5.64 -0.65
C MET B 99 14.09 -6.65 -1.27
N ILE B 100 14.68 -7.64 -1.93
CA ILE B 100 13.89 -8.78 -2.45
C ILE B 100 14.50 -10.03 -1.88
N MET B 101 13.69 -10.83 -1.17
CA MET B 101 14.11 -12.16 -0.75
C MET B 101 13.63 -13.13 -1.78
N ILE B 102 14.58 -13.82 -2.41
CA ILE B 102 14.25 -14.81 -3.43
C ILE B 102 14.46 -16.15 -2.74
N SER B 103 13.44 -16.99 -2.69
CA SER B 103 13.58 -18.31 -2.07
C SER B 103 13.08 -19.41 -2.99
N GLY B 104 13.81 -20.52 -3.01
CA GLY B 104 13.31 -21.74 -3.61
C GLY B 104 12.14 -22.26 -2.80
N SER B 105 11.22 -22.95 -3.47
CA SER B 105 10.17 -23.64 -2.74
C SER B 105 10.02 -25.02 -3.37
N SER B 106 9.19 -25.85 -2.74
CA SER B 106 9.07 -27.24 -3.11
C SER B 106 7.98 -27.48 -4.19
N ASP B 107 7.35 -28.66 -4.18
CA ASP B 107 6.46 -29.07 -5.24
C ASP B 107 5.07 -28.51 -4.96
N ARG B 108 4.57 -27.63 -5.82
CA ARG B 108 3.27 -26.95 -5.55
C ARG B 108 2.14 -27.94 -5.30
N ALA B 109 2.16 -29.06 -6.03
CA ALA B 109 1.04 -30.03 -5.95
C ALA B 109 1.05 -30.72 -4.59
N ILE B 110 2.23 -31.09 -4.12
CA ILE B 110 2.36 -31.78 -2.83
C ILE B 110 2.07 -30.83 -1.66
N VAL B 111 2.64 -29.63 -1.74
CA VAL B 111 2.43 -28.61 -0.70
C VAL B 111 0.94 -28.19 -0.62
N ASP B 112 0.31 -27.99 -1.78
CA ASP B 112 -1.11 -27.60 -1.82
C ASP B 112 -2.01 -28.68 -1.21
N LEU B 113 -1.56 -29.94 -1.19
CA LEU B 113 -2.33 -31.00 -0.55
C LEU B 113 -1.86 -31.35 0.87
N GLN B 114 -0.84 -30.63 1.35
CA GLN B 114 -0.28 -30.83 2.69
C GLN B 114 0.09 -32.28 2.94
N GLN B 115 0.82 -32.85 1.98
CA GLN B 115 1.14 -34.27 2.03
C GLN B 115 2.47 -34.53 2.71
N GLY B 116 3.17 -33.46 3.11
CA GLY B 116 4.46 -33.64 3.78
C GLY B 116 5.62 -33.64 2.79
N ASP B 117 5.61 -32.66 1.88
CA ASP B 117 6.70 -32.49 0.95
C ASP B 117 8.00 -32.19 1.71
N TYR B 118 9.12 -32.34 1.00
CA TYR B 118 10.40 -31.86 1.46
C TYR B 118 10.23 -30.34 1.74
N GLU B 119 10.62 -29.92 2.95
CA GLU B 119 10.63 -28.49 3.34
C GLU B 119 9.30 -27.83 2.92
N GLU B 120 8.21 -28.46 3.32
CA GLU B 120 6.86 -28.01 2.94
C GLU B 120 6.40 -26.77 3.69
N LEU B 121 6.05 -25.74 2.93
CA LEU B 121 5.42 -24.53 3.48
C LEU B 121 4.84 -23.74 2.32
N ASP B 122 3.64 -23.20 2.51
CA ASP B 122 3.15 -22.17 1.56
C ASP B 122 3.92 -20.88 1.86
N GLN B 123 5.09 -20.74 1.25
CA GLN B 123 6.00 -19.66 1.59
C GLN B 123 5.47 -18.31 1.13
N MET B 124 4.81 -18.29 -0.01
CA MET B 124 4.24 -17.06 -0.53
C MET B 124 3.26 -16.48 0.49
N ASN B 125 2.32 -17.30 0.96
CA ASN B 125 1.39 -16.83 1.95
C ASN B 125 2.00 -16.57 3.32
N ALA B 126 3.02 -17.34 3.68
CA ALA B 126 3.78 -17.11 4.91
C ALA B 126 4.40 -15.72 4.95
N ALA B 127 4.87 -15.25 3.79
CA ALA B 127 5.62 -13.99 3.72
C ALA B 127 4.73 -12.76 3.70
N LYS B 128 3.47 -12.96 3.30
CA LYS B 128 2.55 -11.82 3.08
C LYS B 128 2.45 -10.80 4.20
N PRO B 129 2.31 -11.25 5.47
CA PRO B 129 2.19 -10.28 6.56
C PRO B 129 3.43 -9.39 6.75
N TYR B 130 4.55 -9.82 6.19
CA TYR B 130 5.87 -9.23 6.47
C TYR B 130 6.51 -8.54 5.26
N ALA B 131 5.77 -8.48 4.16
CA ALA B 131 6.32 -7.96 2.91
C ALA B 131 5.29 -7.05 2.29
N LYS B 132 5.76 -6.11 1.45
CA LYS B 132 4.87 -5.28 0.67
C LYS B 132 4.07 -6.11 -0.34
N ALA B 133 4.68 -7.19 -0.83
CA ALA B 133 4.05 -8.11 -1.80
C ALA B 133 4.81 -9.42 -1.74
N ALA B 134 4.10 -10.51 -2.02
CA ALA B 134 4.72 -11.82 -2.11
C ALA B 134 4.25 -12.41 -3.43
N PHE B 135 5.19 -12.71 -4.33
CA PHE B 135 4.85 -13.26 -5.63
C PHE B 135 5.43 -14.65 -5.78
N ARG B 136 4.77 -15.50 -6.56
CA ARG B 136 5.27 -16.87 -6.82
C ARG B 136 5.18 -17.15 -8.31
N VAL B 137 6.28 -17.66 -8.87
CA VAL B 137 6.39 -17.80 -10.32
C VAL B 137 6.30 -19.26 -10.73
N ASN B 138 5.26 -19.64 -11.44
CA ASN B 138 5.11 -21.05 -11.87
C ASN B 138 5.62 -21.38 -13.28
N GLN B 139 5.77 -20.35 -14.11
CA GLN B 139 6.14 -20.52 -15.52
C GLN B 139 7.38 -19.71 -15.82
N PRO B 140 8.36 -20.34 -16.51
CA PRO B 140 9.65 -19.64 -16.68
C PRO B 140 9.52 -18.37 -17.52
N GLN B 141 8.55 -18.34 -18.44
CA GLN B 141 8.26 -17.15 -19.26
C GLN B 141 7.76 -15.94 -18.46
N ASP B 142 7.35 -16.17 -17.21
CA ASP B 142 6.86 -15.10 -16.33
C ASP B 142 7.93 -14.61 -15.34
N LEU B 143 9.12 -15.20 -15.36
CA LEU B 143 10.18 -14.79 -14.45
C LEU B 143 10.59 -13.31 -14.64
N GLY B 144 10.69 -12.87 -15.89
CA GLY B 144 11.08 -11.49 -16.18
C GLY B 144 10.11 -10.47 -15.60
N ILE B 145 8.83 -10.66 -15.90
CA ILE B 145 7.82 -9.70 -15.40
C ILE B 145 7.67 -9.81 -13.87
N ALA B 146 7.78 -11.02 -13.30
CA ALA B 146 7.76 -11.21 -11.85
C ALA B 146 8.86 -10.39 -11.18
N LEU B 147 10.09 -10.47 -11.71
CA LEU B 147 11.18 -9.68 -11.14
C LEU B 147 10.92 -8.16 -11.30
N ALA B 148 10.39 -7.76 -12.45
CA ALA B 148 10.01 -6.35 -12.69
C ALA B 148 9.03 -5.84 -11.61
N ARG B 149 7.97 -6.61 -11.36
CA ARG B 149 7.04 -6.31 -10.26
C ARG B 149 7.76 -6.19 -8.92
N ALA B 150 8.60 -7.17 -8.61
CA ALA B 150 9.31 -7.21 -7.34
C ALA B 150 10.16 -5.96 -7.13
N ILE B 151 10.90 -5.57 -8.17
CA ILE B 151 11.73 -4.36 -8.14
C ILE B 151 10.86 -3.12 -7.90
N ARG B 152 9.80 -2.96 -8.69
CA ARG B 152 8.94 -1.78 -8.55
C ARG B 152 8.29 -1.67 -7.20
N VAL B 153 7.79 -2.80 -6.71
CA VAL B 153 7.13 -2.79 -5.40
C VAL B 153 8.13 -2.47 -4.30
N SER B 154 9.32 -3.03 -4.38
CA SER B 154 10.28 -2.87 -3.30
C SER B 154 10.73 -1.41 -3.11
N VAL B 155 10.86 -0.66 -4.19
CA VAL B 155 11.43 0.70 -4.14
C VAL B 155 10.41 1.83 -4.25
N SER B 156 9.20 1.53 -4.71
CA SER B 156 8.16 2.56 -4.81
C SER B 156 7.46 2.80 -3.48
N GLY B 157 6.63 3.86 -3.40
CA GLY B 157 5.98 4.23 -2.13
C GLY B 157 6.93 4.29 -0.95
N ARG B 158 6.47 3.81 0.22
CA ARG B 158 7.41 3.53 1.30
C ARG B 158 8.15 2.28 0.88
N PRO B 159 9.50 2.35 0.74
CA PRO B 159 10.22 1.12 0.32
C PRO B 159 10.11 -0.02 1.34
N GLY B 160 10.32 -1.25 0.89
CA GLY B 160 10.21 -2.35 1.83
C GLY B 160 10.60 -3.66 1.20
N GLY B 161 10.32 -4.73 1.93
CA GLY B 161 10.70 -6.07 1.50
C GLY B 161 9.65 -6.65 0.57
N VAL B 162 10.12 -7.39 -0.43
CA VAL B 162 9.25 -8.16 -1.33
C VAL B 162 9.73 -9.60 -1.33
N TYR B 163 8.79 -10.53 -1.34
CA TYR B 163 9.15 -11.93 -1.43
C TYR B 163 8.88 -12.48 -2.84
N LEU B 164 9.87 -13.14 -3.42
CA LEU B 164 9.76 -13.74 -4.74
C LEU B 164 10.00 -15.24 -4.64
N ASP B 165 8.95 -16.03 -4.87
CA ASP B 165 9.01 -17.46 -4.62
C ASP B 165 9.27 -18.19 -5.94
N LEU B 166 10.34 -19.00 -5.97
CA LEU B 166 10.71 -19.76 -7.16
C LEU B 166 10.61 -21.26 -6.89
N PRO B 167 9.47 -21.89 -7.24
CA PRO B 167 9.40 -23.35 -7.06
C PRO B 167 10.50 -24.07 -7.82
N ALA B 168 11.03 -25.14 -7.23
CA ALA B 168 12.09 -25.93 -7.88
C ALA B 168 11.77 -26.22 -9.34
N ASN B 169 10.50 -26.51 -9.63
CA ASN B 169 10.09 -26.83 -10.97
C ASN B 169 10.28 -25.67 -11.96
N VAL B 170 10.11 -24.42 -11.51
CA VAL B 170 10.28 -23.29 -12.43
C VAL B 170 11.75 -23.07 -12.76
N LEU B 171 12.62 -23.36 -11.81
CA LEU B 171 14.07 -23.24 -12.02
C LEU B 171 14.56 -24.24 -13.07
N ALA B 172 13.98 -25.44 -13.03
CA ALA B 172 14.29 -26.53 -13.97
C ALA B 172 13.56 -26.43 -15.31
N ALA B 173 12.44 -25.72 -15.34
CA ALA B 173 11.59 -25.63 -16.53
C ALA B 173 12.34 -25.01 -17.71
N THR B 174 12.17 -25.58 -18.89
CA THR B 174 12.91 -25.09 -20.05
C THR B 174 12.06 -24.33 -21.04
N MET B 175 12.70 -23.45 -21.82
CA MET B 175 12.07 -22.87 -22.99
C MET B 175 13.16 -22.47 -23.97
N GLU B 176 12.77 -22.09 -25.18
CA GLU B 176 13.74 -21.73 -26.19
C GLU B 176 14.45 -20.46 -25.77
N LYS B 177 15.76 -20.43 -25.97
CA LYS B 177 16.61 -19.34 -25.48
C LYS B 177 16.24 -17.96 -26.07
N ASP B 178 16.07 -17.88 -27.40
CA ASP B 178 15.71 -16.62 -28.04
C ASP B 178 14.37 -16.11 -27.52
N GLU B 179 13.37 -17.00 -27.45
CA GLU B 179 12.07 -16.62 -26.89
C GLU B 179 12.20 -16.15 -25.43
N ALA B 180 12.99 -16.89 -24.64
CA ALA B 180 13.19 -16.55 -23.23
C ALA B 180 13.75 -15.12 -23.09
N LEU B 181 14.63 -14.74 -24.00
CA LEU B 181 15.24 -13.41 -23.91
C LEU B 181 14.23 -12.31 -24.10
N THR B 182 13.20 -12.59 -24.89
CA THR B 182 12.17 -11.59 -25.15
C THR B 182 11.28 -11.34 -23.93
N THR B 183 11.34 -12.23 -22.93
CA THR B 183 10.47 -12.15 -21.74
C THR B 183 11.19 -11.51 -20.57
N ILE B 184 12.45 -11.10 -20.77
CA ILE B 184 13.19 -10.46 -19.69
C ILE B 184 12.91 -8.97 -19.73
N VAL B 185 12.66 -8.39 -18.55
CA VAL B 185 12.23 -6.99 -18.46
C VAL B 185 13.25 -6.16 -17.68
N LYS B 186 13.82 -5.16 -18.34
CA LYS B 186 14.73 -4.23 -17.67
C LYS B 186 13.92 -3.01 -17.24
N VAL B 187 13.76 -2.83 -15.93
CA VAL B 187 12.89 -1.76 -15.41
C VAL B 187 13.64 -0.42 -15.40
N GLU B 188 13.11 0.56 -16.13
CA GLU B 188 13.66 1.91 -16.07
C GLU B 188 12.87 2.73 -15.05
N ASN B 189 13.59 3.43 -14.17
CA ASN B 189 12.95 4.33 -13.22
C ASN B 189 11.80 3.68 -12.42
N PRO B 190 12.11 2.63 -11.63
CA PRO B 190 11.06 1.93 -10.87
C PRO B 190 10.40 2.75 -9.76
N SER B 191 11.07 3.78 -9.27
CA SER B 191 10.46 4.73 -8.32
C SER B 191 10.48 6.15 -8.88
N PRO B 192 9.49 6.51 -9.74
CA PRO B 192 9.58 7.85 -10.33
C PRO B 192 9.24 8.96 -9.32
N ALA B 193 9.66 10.19 -9.63
CA ALA B 193 9.33 11.36 -8.80
C ALA B 193 7.82 11.48 -8.60
N LEU B 194 7.41 11.81 -7.37
CA LEU B 194 6.00 12.11 -7.05
C LEU B 194 5.91 13.43 -6.29
N LEU B 195 5.37 14.45 -6.94
CA LEU B 195 5.43 15.82 -6.42
C LEU B 195 4.17 16.14 -5.63
N PRO B 196 4.34 16.86 -4.49
CA PRO B 196 3.22 17.17 -3.64
C PRO B 196 2.32 18.27 -4.21
N CYS B 197 1.09 18.31 -3.71
CA CYS B 197 0.19 19.42 -3.97
C CYS B 197 0.90 20.77 -3.66
N PRO B 198 0.94 21.69 -4.64
CA PRO B 198 1.57 23.00 -4.40
C PRO B 198 0.94 23.79 -3.24
N LYS B 199 -0.38 23.62 -3.05
CA LYS B 199 -1.04 24.30 -1.94
C LYS B 199 -0.52 23.81 -0.59
N SER B 200 -0.19 22.51 -0.49
CA SER B 200 0.33 22.00 0.77
C SER B 200 1.74 22.58 1.04
N VAL B 201 2.52 22.77 -0.02
CA VAL B 201 3.87 23.35 0.07
C VAL B 201 3.71 24.80 0.55
N THR B 202 2.78 25.52 -0.06
CA THR B 202 2.49 26.89 0.34
C THR B 202 2.08 26.95 1.81
N SER B 203 1.19 26.06 2.23
CA SER B 203 0.76 26.05 3.63
C SER B 203 1.89 25.71 4.58
N ALA B 204 2.78 24.81 4.16
CA ALA B 204 3.93 24.38 4.98
C ALA B 204 4.82 25.58 5.29
N ILE B 205 5.21 26.31 4.24
CA ILE B 205 6.05 27.49 4.38
C ILE B 205 5.35 28.57 5.22
N SER B 206 4.07 28.80 4.93
CA SER B 206 3.30 29.78 5.69
C SER B 206 3.28 29.49 7.20
N LEU B 207 3.06 28.22 7.55
CA LEU B 207 3.05 27.82 8.95
C LEU B 207 4.44 27.96 9.59
N LEU B 208 5.49 27.56 8.87
CA LEU B 208 6.84 27.71 9.40
C LEU B 208 7.18 29.17 9.67
N ALA B 209 6.78 30.04 8.75
CA ALA B 209 7.07 31.47 8.87
C ALA B 209 6.32 32.14 10.03
N LYS B 210 5.13 31.64 10.36
CA LYS B 210 4.35 32.07 11.55
C LYS B 210 4.85 31.51 12.89
N ALA B 211 5.66 30.45 12.82
CA ALA B 211 6.11 29.74 14.02
C ALA B 211 7.05 30.57 14.89
N GLU B 212 6.83 30.56 16.20
CA GLU B 212 7.78 31.21 17.12
C GLU B 212 8.95 30.31 17.41
N ARG B 213 8.73 29.00 17.33
CA ARG B 213 9.73 28.03 17.77
C ARG B 213 9.69 26.80 16.87
N PRO B 214 10.03 26.98 15.58
CA PRO B 214 9.99 25.85 14.64
C PRO B 214 11.15 24.86 14.85
N LEU B 215 10.89 23.61 14.53
CA LEU B 215 11.90 22.58 14.63
C LEU B 215 11.68 21.61 13.46
N ILE B 216 12.76 21.28 12.76
CA ILE B 216 12.70 20.17 11.77
C ILE B 216 13.23 18.91 12.45
N ILE B 217 12.54 17.79 12.23
CA ILE B 217 13.04 16.47 12.59
C ILE B 217 13.33 15.71 11.30
N LEU B 218 14.60 15.32 11.13
CA LEU B 218 15.04 14.54 9.97
C LEU B 218 15.06 13.08 10.39
N GLY B 219 14.20 12.28 9.74
CA GLY B 219 14.16 10.84 9.96
C GLY B 219 15.01 10.10 8.93
N LYS B 220 15.10 8.78 9.09
CA LYS B 220 15.90 8.00 8.14
C LYS B 220 15.30 7.97 6.72
N GLY B 221 14.01 8.32 6.62
CA GLY B 221 13.38 8.57 5.30
C GLY B 221 14.08 9.74 4.60
N ALA B 222 14.38 10.80 5.37
CA ALA B 222 15.13 11.93 4.83
C ALA B 222 16.51 11.48 4.36
N ALA B 223 17.18 10.68 5.19
CA ALA B 223 18.49 10.11 4.82
C ALA B 223 18.41 9.29 3.54
N TYR B 224 17.45 8.37 3.53
CA TYR B 224 17.23 7.49 2.38
C TYR B 224 17.04 8.26 1.09
N SER B 225 16.33 9.40 1.16
CA SER B 225 16.01 10.20 -0.03
C SER B 225 17.23 10.75 -0.76
N GLN B 226 18.35 10.85 -0.06
CA GLN B 226 19.60 11.40 -0.60
C GLN B 226 19.50 12.88 -1.00
N ALA B 227 18.49 13.56 -0.48
CA ALA B 227 18.30 14.98 -0.75
C ALA B 227 19.17 15.83 0.19
N ASP B 228 20.44 15.45 0.38
CA ASP B 228 21.30 16.02 1.42
C ASP B 228 21.48 17.52 1.23
N GLU B 229 21.80 17.95 0.01
CA GLU B 229 22.11 19.36 -0.23
C GLU B 229 20.86 20.24 -0.12
N GLN B 230 19.73 19.71 -0.59
CA GLN B 230 18.50 20.46 -0.50
C GLN B 230 18.07 20.64 0.95
N LEU B 231 18.19 19.59 1.76
CA LEU B 231 17.83 19.72 3.16
C LEU B 231 18.73 20.74 3.87
N ARG B 232 20.01 20.69 3.58
CA ARG B 232 20.96 21.63 4.20
C ARG B 232 20.63 23.07 3.81
N GLU B 233 20.40 23.28 2.51
CA GLU B 233 20.06 24.61 1.98
C GLU B 233 18.81 25.21 2.63
N PHE B 234 17.77 24.38 2.80
CA PHE B 234 16.53 24.82 3.41
C PHE B 234 16.73 25.18 4.89
N ILE B 235 17.38 24.29 5.64
CA ILE B 235 17.68 24.50 7.05
C ILE B 235 18.54 25.78 7.25
N GLU B 236 19.55 25.96 6.40
CA GLU B 236 20.48 27.08 6.58
C GLU B 236 19.86 28.40 6.14
N SER B 237 18.99 28.33 5.12
CA SER B 237 18.38 29.54 4.59
C SER B 237 17.47 30.18 5.63
N ALA B 238 16.60 29.39 6.23
CA ALA B 238 15.64 29.89 7.23
C ALA B 238 16.16 29.75 8.66
N GLN B 239 17.37 29.23 8.80
CA GLN B 239 18.00 29.05 10.14
C GLN B 239 17.11 28.26 11.10
N ILE B 240 16.61 27.12 10.62
CA ILE B 240 15.67 26.33 11.39
C ILE B 240 16.42 25.26 12.16
N PRO B 241 16.33 25.27 13.51
CA PRO B 241 16.94 24.20 14.31
C PRO B 241 16.44 22.84 13.83
N PHE B 242 17.33 21.83 13.80
CA PHE B 242 16.89 20.49 13.39
C PHE B 242 17.34 19.40 14.38
N LEU B 243 16.56 18.32 14.45
CA LEU B 243 16.90 17.18 15.27
C LEU B 243 17.03 15.98 14.34
N PRO B 244 18.23 15.36 14.27
CA PRO B 244 18.36 14.15 13.47
C PRO B 244 18.00 12.90 14.27
N MET B 245 17.09 12.09 13.71
CA MET B 245 16.90 10.76 14.26
C MET B 245 18.17 9.94 14.02
N SER B 246 18.27 8.81 14.71
CA SER B 246 19.47 7.96 14.68
C SER B 246 20.12 7.79 13.31
N MET B 247 19.38 7.28 12.33
CA MET B 247 20.02 6.96 11.06
C MET B 247 19.98 8.15 10.09
N ALA B 248 19.47 9.27 10.59
CA ALA B 248 19.55 10.55 9.86
C ALA B 248 20.73 11.41 10.34
N LYS B 249 21.41 10.95 11.41
CA LYS B 249 22.63 11.64 11.86
C LYS B 249 23.59 11.70 10.66
N GLY B 250 24.22 12.85 10.45
CA GLY B 250 25.18 13.01 9.36
C GLY B 250 24.68 13.63 8.06
N ILE B 251 23.36 13.71 7.86
CA ILE B 251 22.87 14.38 6.65
C ILE B 251 23.45 15.79 6.64
N LEU B 252 23.27 16.50 7.76
CA LEU B 252 24.11 17.63 8.10
C LEU B 252 25.05 17.09 9.17
N GLU B 253 26.28 17.57 9.25
CA GLU B 253 27.18 17.01 10.28
C GLU B 253 26.57 17.21 11.66
N ASP B 254 26.82 16.27 12.56
CA ASP B 254 26.23 16.31 13.90
C ASP B 254 26.64 17.55 14.72
N THR B 255 27.77 18.14 14.36
CA THR B 255 28.26 19.33 15.05
C THR B 255 27.76 20.64 14.39
N HIS B 256 26.91 20.52 13.38
CA HIS B 256 26.32 21.70 12.73
C HIS B 256 25.68 22.63 13.78
N PRO B 257 25.89 23.95 13.65
CA PRO B 257 25.36 24.91 14.64
C PRO B 257 23.84 24.85 14.89
N LEU B 258 23.07 24.42 13.89
CA LEU B 258 21.60 24.36 14.04
C LEU B 258 21.08 23.01 14.60
N SER B 259 21.97 22.04 14.80
CA SER B 259 21.52 20.79 15.41
C SER B 259 21.03 20.98 16.85
N ALA B 260 19.77 20.62 17.09
CA ALA B 260 19.20 20.66 18.44
C ALA B 260 19.38 19.36 19.23
N ALA B 261 20.19 18.43 18.71
CA ALA B 261 20.38 17.10 19.34
C ALA B 261 20.73 17.17 20.83
N ALA B 262 21.61 18.12 21.17
CA ALA B 262 22.10 18.27 22.53
C ALA B 262 21.08 18.93 23.46
N ALA B 263 19.98 19.40 22.89
CA ALA B 263 18.85 19.88 23.69
C ALA B 263 17.54 19.25 23.24
N ARG B 264 17.59 17.96 22.90
CA ARG B 264 16.43 17.25 22.36
C ARG B 264 15.19 17.40 23.22
N SER B 265 15.32 17.18 24.54
CA SER B 265 14.14 17.21 25.42
C SER B 265 13.50 18.58 25.45
N PHE B 266 14.33 19.61 25.63
CA PHE B 266 13.84 20.97 25.59
C PHE B 266 13.15 21.33 24.25
N ALA B 267 13.79 20.94 23.14
CA ALA B 267 13.31 21.27 21.82
C ALA B 267 11.91 20.69 21.61
N LEU B 268 11.72 19.42 21.96
CA LEU B 268 10.41 18.76 21.79
C LEU B 268 9.36 19.32 22.73
N ALA B 269 9.78 19.67 23.96
CA ALA B 269 8.87 20.22 24.94
C ALA B 269 8.34 21.59 24.55
N ASN B 270 9.11 22.32 23.74
CA ASN B 270 8.80 23.74 23.51
C ASN B 270 8.45 24.16 22.07
N ALA B 271 8.90 23.38 21.08
CA ALA B 271 8.63 23.74 19.69
C ALA B 271 7.12 23.91 19.51
N ASP B 272 6.72 24.92 18.74
CA ASP B 272 5.31 25.12 18.45
C ASP B 272 4.90 24.59 17.08
N VAL B 273 5.86 24.54 16.15
CA VAL B 273 5.63 23.93 14.83
C VAL B 273 6.77 22.97 14.58
N VAL B 274 6.43 21.72 14.26
CA VAL B 274 7.44 20.68 14.03
C VAL B 274 7.24 20.11 12.63
N MET B 275 8.31 20.14 11.83
CA MET B 275 8.28 19.63 10.46
C MET B 275 8.99 18.29 10.44
N LEU B 276 8.18 17.22 10.31
CA LEU B 276 8.71 15.87 10.22
C LEU B 276 9.13 15.59 8.79
N VAL B 277 10.39 15.22 8.59
CA VAL B 277 10.88 14.92 7.26
C VAL B 277 11.25 13.43 7.19
N GLY B 278 10.35 12.61 6.65
CA GLY B 278 10.59 11.16 6.60
C GLY B 278 10.88 10.58 7.97
N ALA B 279 10.02 10.89 8.93
CA ALA B 279 10.13 10.41 10.33
C ALA B 279 8.73 10.16 10.84
N ARG B 280 8.50 8.98 11.43
CA ARG B 280 7.20 8.69 12.00
C ARG B 280 7.05 9.15 13.44
N LEU B 281 5.85 9.61 13.79
CA LEU B 281 5.51 9.91 15.18
C LEU B 281 5.17 8.64 15.96
N ASN B 282 6.12 7.69 15.93
CA ASN B 282 5.99 6.41 16.62
C ASN B 282 6.69 6.44 17.97
N TRP B 283 6.90 5.26 18.56
CA TRP B 283 7.48 5.17 19.89
C TRP B 283 8.81 5.94 20.06
N LEU B 284 9.58 6.05 18.99
CA LEU B 284 10.91 6.72 19.02
C LEU B 284 10.77 8.24 19.29
N LEU B 285 9.56 8.74 19.07
CA LEU B 285 9.24 10.14 19.36
C LEU B 285 8.11 10.26 20.38
N ALA B 286 7.89 9.18 21.13
CA ALA B 286 6.87 9.10 22.18
C ALA B 286 5.50 9.49 21.65
N HIS B 287 5.31 9.22 20.36
CA HIS B 287 4.01 9.43 19.69
C HIS B 287 3.55 10.89 19.76
N GLY B 288 4.50 11.80 19.96
CA GLY B 288 4.16 13.22 20.08
C GLY B 288 3.36 13.58 21.33
N LYS B 289 3.48 12.74 22.37
CA LYS B 289 2.73 12.94 23.60
C LYS B 289 3.67 13.30 24.74
N LYS B 290 4.10 12.31 25.52
CA LYS B 290 4.99 12.58 26.65
C LYS B 290 6.22 13.35 26.19
N GLY B 291 6.49 14.49 26.85
CA GLY B 291 7.67 15.30 26.55
C GLY B 291 7.43 16.34 25.47
N TRP B 292 6.23 16.39 24.92
CA TRP B 292 5.91 17.36 23.85
C TRP B 292 4.99 18.45 24.36
N ALA B 293 5.05 19.62 23.72
CA ALA B 293 4.09 20.69 24.00
C ALA B 293 2.66 20.18 23.74
N ALA B 294 1.67 20.74 24.43
CA ALA B 294 0.30 20.21 24.34
C ALA B 294 -0.32 20.35 22.95
N ASP B 295 0.05 21.42 22.25
CA ASP B 295 -0.63 21.73 20.99
C ASP B 295 0.35 21.99 19.87
N THR B 296 1.41 21.18 19.81
CA THR B 296 2.33 21.21 18.69
C THR B 296 1.53 21.11 17.39
N GLN B 297 1.89 21.93 16.41
CA GLN B 297 1.32 21.82 15.07
C GLN B 297 2.36 21.16 14.16
N PHE B 298 1.91 20.20 13.35
CA PHE B 298 2.83 19.40 12.56
C PHE B 298 2.71 19.65 11.07
N ILE B 299 3.87 19.67 10.42
CA ILE B 299 3.99 19.55 8.98
C ILE B 299 4.66 18.18 8.80
N GLN B 300 4.23 17.39 7.84
CA GLN B 300 4.87 16.08 7.62
C GLN B 300 5.09 15.77 6.15
N LEU B 301 6.36 15.65 5.79
CA LEU B 301 6.75 15.25 4.43
C LEU B 301 6.91 13.74 4.47
N ASP B 302 5.99 13.04 3.80
CA ASP B 302 6.10 11.58 3.70
C ASP B 302 5.49 11.13 2.38
N ILE B 303 6.04 10.05 1.83
CA ILE B 303 5.56 9.42 0.60
C ILE B 303 4.33 8.55 0.86
N GLU B 304 4.11 8.21 2.14
CA GLU B 304 3.06 7.25 2.51
C GLU B 304 1.85 8.01 3.07
N PRO B 305 0.81 8.24 2.25
CA PRO B 305 -0.34 8.98 2.79
C PRO B 305 -0.99 8.27 3.99
N GLN B 306 -0.84 6.94 4.06
CA GLN B 306 -1.44 6.18 5.16
C GLN B 306 -0.80 6.51 6.51
N GLU B 307 0.38 7.13 6.48
CA GLU B 307 1.08 7.47 7.73
C GLU B 307 0.50 8.74 8.39
N ILE B 308 -0.13 9.59 7.58
CA ILE B 308 -0.65 10.87 8.08
C ILE B 308 -1.77 10.64 9.07
N ASP B 309 -1.74 11.35 10.21
CA ASP B 309 -2.76 11.23 11.25
C ASP B 309 -2.75 9.85 11.92
N SER B 310 -1.61 9.18 11.91
CA SER B 310 -1.50 7.91 12.63
C SER B 310 -1.56 8.13 14.15
N ASN B 311 -0.98 9.25 14.60
CA ASN B 311 -0.75 9.49 16.03
C ASN B 311 -1.32 10.84 16.46
N ARG B 312 -0.62 11.92 16.14
CA ARG B 312 -1.16 13.27 16.36
C ARG B 312 -1.77 13.75 15.05
N PRO B 313 -2.86 14.54 15.12
CA PRO B 313 -3.36 15.19 13.90
C PRO B 313 -2.26 16.06 13.27
N ILE B 314 -2.17 15.97 11.95
CA ILE B 314 -1.15 16.66 11.17
C ILE B 314 -1.78 17.84 10.44
N ALA B 315 -1.35 19.04 10.81
CA ALA B 315 -1.93 20.26 10.26
C ALA B 315 -1.60 20.42 8.79
N VAL B 316 -0.36 20.12 8.41
CA VAL B 316 0.06 20.25 7.00
C VAL B 316 0.76 18.99 6.48
N PRO B 317 -0.02 18.04 5.97
CA PRO B 317 0.61 16.92 5.28
C PRO B 317 1.24 17.41 3.98
N VAL B 318 2.45 16.97 3.69
CA VAL B 318 3.04 17.23 2.36
C VAL B 318 3.38 15.87 1.77
N VAL B 319 2.43 15.30 1.04
CA VAL B 319 2.58 13.93 0.56
C VAL B 319 3.29 13.92 -0.80
N GLY B 320 4.40 13.17 -0.86
CA GLY B 320 5.20 13.06 -2.09
C GLY B 320 6.59 12.60 -1.67
N ASP B 321 7.48 12.42 -2.64
CA ASP B 321 8.83 11.95 -2.28
C ASP B 321 9.65 13.14 -1.80
N ILE B 322 10.53 12.92 -0.83
CA ILE B 322 11.17 14.05 -0.13
C ILE B 322 11.99 14.94 -1.08
N ALA B 323 12.75 14.35 -1.98
CA ALA B 323 13.51 15.14 -2.96
C ALA B 323 12.59 16.08 -3.72
N SER B 324 11.47 15.57 -4.23
CA SER B 324 10.52 16.42 -4.94
C SER B 324 9.91 17.47 -4.04
N SER B 325 9.53 17.08 -2.82
CA SER B 325 8.90 18.05 -1.91
C SER B 325 9.89 19.17 -1.55
N MET B 326 11.15 18.82 -1.32
CA MET B 326 12.14 19.84 -0.99
C MET B 326 12.41 20.81 -2.14
N GLN B 327 12.26 20.33 -3.37
CA GLN B 327 12.34 21.22 -4.55
C GLN B 327 11.29 22.31 -4.45
N GLY B 328 10.04 21.91 -4.16
CA GLY B 328 8.94 22.83 -4.02
C GLY B 328 9.09 23.71 -2.79
N MET B 329 9.49 23.10 -1.67
CA MET B 329 9.72 23.83 -0.40
C MET B 329 10.76 24.94 -0.57
N LEU B 330 11.85 24.62 -1.26
CA LEU B 330 12.90 25.60 -1.55
C LEU B 330 12.44 26.73 -2.49
N ALA B 331 11.68 26.37 -3.52
CA ALA B 331 11.15 27.37 -4.45
C ALA B 331 10.16 28.29 -3.74
N GLU B 332 9.33 27.72 -2.88
CA GLU B 332 8.38 28.52 -2.13
C GLU B 332 9.09 29.43 -1.11
N LEU B 333 10.10 28.90 -0.43
CA LEU B 333 10.85 29.70 0.51
C LEU B 333 11.54 30.88 -0.21
N LYS B 334 12.15 30.62 -1.37
CA LYS B 334 12.82 31.68 -2.14
C LYS B 334 11.87 32.83 -2.45
N GLN B 335 10.62 32.51 -2.74
CA GLN B 335 9.60 33.51 -3.05
C GLN B 335 9.00 34.18 -1.81
N ASN B 336 9.14 33.52 -0.65
CA ASN B 336 8.55 33.96 0.61
C ASN B 336 9.50 33.65 1.76
N THR B 337 10.63 34.34 1.77
CA THR B 337 11.69 34.07 2.74
C THR B 337 11.24 34.37 4.16
N PHE B 338 11.78 33.61 5.11
CA PHE B 338 11.66 33.96 6.50
C PHE B 338 12.93 33.55 7.23
N THR B 339 13.04 34.06 8.44
CA THR B 339 14.11 33.70 9.34
C THR B 339 13.48 33.22 10.64
N THR B 340 13.89 32.03 11.09
CA THR B 340 13.50 31.52 12.39
C THR B 340 13.89 32.53 13.48
N PRO B 341 12.98 32.78 14.45
CA PRO B 341 13.31 33.70 15.55
C PRO B 341 14.67 33.43 16.19
N LEU B 342 15.53 34.44 16.17
CA LEU B 342 16.78 34.40 16.89
C LEU B 342 16.64 33.97 18.35
N VAL B 343 15.63 34.46 19.06
CA VAL B 343 15.53 34.16 20.48
C VAL B 343 15.33 32.65 20.71
N TRP B 344 14.68 31.99 19.74
CA TRP B 344 14.47 30.52 19.83
C TRP B 344 15.80 29.78 19.63
N ARG B 345 16.54 30.15 18.59
CA ARG B 345 17.87 29.57 18.39
C ARG B 345 18.77 29.81 19.61
N ASP B 346 18.67 31.01 20.19
CA ASP B 346 19.51 31.34 21.36
C ASP B 346 19.18 30.47 22.57
N ILE B 347 17.89 30.31 22.89
CA ILE B 347 17.54 29.51 24.06
C ILE B 347 17.94 28.05 23.85
N LEU B 348 17.76 27.55 22.64
CA LEU B 348 18.25 26.21 22.28
C LEU B 348 19.73 26.08 22.55
N ASN B 349 20.51 27.09 22.14
CA ASN B 349 21.96 27.05 22.35
C ASN B 349 22.38 27.10 23.82
N ILE B 350 21.60 27.80 24.65
CA ILE B 350 21.85 27.82 26.09
C ILE B 350 21.72 26.41 26.67
N HIS B 351 20.65 25.71 26.32
CA HIS B 351 20.44 24.34 26.79
C HIS B 351 21.47 23.36 26.23
N LYS B 352 21.80 23.51 24.96
CA LYS B 352 22.81 22.69 24.30
C LYS B 352 24.15 22.80 25.02
N GLN B 353 24.53 24.02 25.38
CA GLN B 353 25.81 24.20 26.07
C GLN B 353 25.86 23.53 27.45
N GLN B 354 24.79 23.70 28.24
CA GLN B 354 24.73 23.09 29.56
C GLN B 354 24.87 21.57 29.45
N ASN B 355 24.14 20.98 28.50
CA ASN B 355 24.19 19.53 28.32
C ASN B 355 25.53 19.05 27.79
N ALA B 356 26.14 19.82 26.90
CA ALA B 356 27.47 19.51 26.37
C ALA B 356 28.52 19.46 27.49
N GLN B 357 28.43 20.40 28.44
CA GLN B 357 29.34 20.41 29.59
C GLN B 357 29.17 19.19 30.47
N LYS B 358 27.93 18.80 30.71
CA LYS B 358 27.66 17.61 31.52
C LYS B 358 28.25 16.38 30.84
N MET B 359 28.07 16.31 29.52
CA MET B 359 28.60 15.22 28.72
C MET B 359 30.14 15.19 28.77
N HIS B 360 30.75 16.35 28.52
CA HIS B 360 32.21 16.46 28.51
C HIS B 360 32.84 15.92 29.80
N GLU B 361 32.22 16.29 30.92
CA GLU B 361 32.65 15.83 32.25
C GLU B 361 32.73 14.30 32.31
N LYS B 362 31.67 13.64 31.84
CA LYS B 362 31.63 12.17 31.82
C LYS B 362 32.64 11.56 30.85
N LEU B 363 32.76 12.16 29.67
CA LEU B 363 33.66 11.65 28.64
C LEU B 363 35.11 11.70 29.09
N SER B 364 35.46 12.75 29.82
CA SER B 364 36.86 13.06 30.12
C SER B 364 37.35 12.49 31.46
N THR B 365 36.44 11.92 32.26
CA THR B 365 36.80 11.35 33.56
C THR B 365 37.17 9.87 33.41
N ASP B 366 38.46 9.58 33.55
CA ASP B 366 38.94 8.19 33.40
C ASP B 366 38.46 7.37 34.60
N THR B 367 38.11 6.11 34.35
CA THR B 367 37.76 5.17 35.40
C THR B 367 38.38 3.82 35.12
N GLN B 368 38.43 2.97 36.16
CA GLN B 368 38.85 1.59 36.01
C GLN B 368 37.90 0.71 36.84
N PRO B 369 37.14 -0.19 36.17
CA PRO B 369 37.14 -0.42 34.71
C PRO B 369 36.54 0.75 33.93
N LEU B 370 36.71 0.73 32.61
CA LEU B 370 36.08 1.68 31.70
C LEU B 370 34.57 1.67 31.85
N ASN B 371 33.94 2.82 31.63
CA ASN B 371 32.47 2.90 31.53
C ASN B 371 32.09 3.25 30.07
N TYR B 372 30.80 3.46 29.80
CA TYR B 372 30.36 3.77 28.43
C TYR B 372 30.87 5.10 27.91
N PHE B 373 31.01 6.06 28.82
CA PHE B 373 31.37 7.42 28.44
C PHE B 373 32.83 7.55 28.05
N ASN B 374 33.75 7.15 28.93
CA ASN B 374 35.16 7.24 28.59
C ASN B 374 35.58 6.30 27.47
N ALA B 375 34.95 5.12 27.42
CA ALA B 375 35.19 4.21 26.32
C ALA B 375 34.74 4.78 24.98
N LEU B 376 33.54 5.33 24.93
CA LEU B 376 33.08 5.95 23.67
C LEU B 376 33.81 7.26 23.34
N SER B 377 34.34 7.95 24.35
CA SER B 377 35.19 9.11 24.08
C SER B 377 36.45 8.67 23.35
N ALA B 378 37.05 7.55 23.76
CA ALA B 378 38.19 6.98 23.06
C ALA B 378 37.85 6.61 21.62
N VAL B 379 36.70 5.96 21.42
CA VAL B 379 36.21 5.65 20.07
C VAL B 379 36.05 6.94 19.25
N ARG B 380 35.47 7.97 19.86
CA ARG B 380 35.25 9.24 19.18
C ARG B 380 36.57 9.89 18.76
N ASP B 381 37.56 9.84 19.65
CA ASP B 381 38.93 10.29 19.32
C ASP B 381 39.42 9.70 17.99
N VAL B 382 39.25 8.39 17.83
CA VAL B 382 39.69 7.68 16.63
C VAL B 382 38.82 8.00 15.42
N LEU B 383 37.51 8.00 15.61
CA LEU B 383 36.61 8.19 14.46
C LEU B 383 36.68 9.60 13.87
N ARG B 384 36.91 10.60 14.72
CA ARG B 384 37.18 11.98 14.30
C ARG B 384 38.31 12.04 13.28
N GLU B 385 39.26 11.12 13.38
CA GLU B 385 40.42 11.06 12.48
C GLU B 385 40.23 10.07 11.34
N ASN B 386 39.14 9.31 11.37
CA ASN B 386 38.86 8.31 10.34
C ASN B 386 37.42 8.44 9.88
N GLN B 387 37.13 9.54 9.20
CA GLN B 387 35.74 9.93 8.94
C GLN B 387 35.10 9.23 7.76
N ASP B 388 35.88 8.43 7.03
CA ASP B 388 35.33 7.72 5.88
C ASP B 388 35.11 6.25 6.20
N ILE B 389 34.36 6.03 7.28
CA ILE B 389 33.99 4.68 7.72
C ILE B 389 32.47 4.59 7.79
N TYR B 390 31.96 3.37 7.86
CA TYR B 390 30.55 3.12 8.19
C TYR B 390 30.50 2.67 9.64
N LEU B 391 29.44 3.08 10.33
CA LEU B 391 29.25 2.74 11.72
C LEU B 391 27.99 1.89 11.90
N VAL B 392 28.17 0.67 12.38
CA VAL B 392 27.07 -0.21 12.77
C VAL B 392 27.00 -0.23 14.29
N ASN B 393 25.80 -0.25 14.86
CA ASN B 393 25.67 -0.09 16.31
C ASN B 393 24.46 -0.84 16.84
N GLU B 394 24.65 -1.62 17.89
CA GLU B 394 23.52 -2.32 18.51
C GLU B 394 23.85 -2.69 19.94
N GLY B 395 22.80 -2.82 20.74
CA GLY B 395 22.91 -3.06 22.16
C GLY B 395 21.83 -2.24 22.83
N ALA B 396 21.94 -2.09 24.15
CA ALA B 396 21.04 -1.22 24.89
C ALA B 396 21.87 0.00 25.29
N ASN B 397 22.60 -0.08 26.41
CA ASN B 397 23.53 1.00 26.76
C ASN B 397 24.55 1.27 25.65
N THR B 398 25.05 0.23 24.99
CA THR B 398 26.01 0.37 23.90
C THR B 398 25.43 1.19 22.75
N LEU B 399 24.14 1.00 22.50
CA LEU B 399 23.44 1.70 21.44
C LEU B 399 23.16 3.16 21.80
N ASP B 400 22.49 3.36 22.94
CA ASP B 400 22.05 4.72 23.30
C ASP B 400 23.26 5.66 23.50
N ASN B 401 24.26 5.19 24.24
CA ASN B 401 25.46 6.02 24.42
C ASN B 401 26.25 6.27 23.15
N ALA B 402 26.45 5.27 22.29
CA ALA B 402 27.15 5.52 21.02
C ALA B 402 26.35 6.48 20.11
N ARG B 403 25.03 6.34 20.10
CA ARG B 403 24.22 7.27 19.31
C ARG B 403 24.47 8.73 19.74
N ASN B 404 24.50 8.95 21.05
CA ASN B 404 24.70 10.28 21.64
C ASN B 404 26.11 10.83 21.42
N ILE B 405 27.10 9.95 21.57
CA ILE B 405 28.50 10.39 21.67
C ILE B 405 29.22 10.39 20.32
N ILE B 406 28.95 9.39 19.48
CA ILE B 406 29.62 9.34 18.18
C ILE B 406 28.93 10.22 17.14
N ASP B 407 29.60 11.33 16.79
CA ASP B 407 29.16 12.23 15.75
C ASP B 407 29.33 11.62 14.37
N MET B 408 28.34 11.83 13.51
CA MET B 408 28.45 11.45 12.12
C MET B 408 28.76 12.74 11.33
N TYR B 409 29.55 12.60 10.28
CA TYR B 409 30.02 13.75 9.49
C TYR B 409 29.49 13.68 8.07
N LYS B 410 29.09 12.48 7.65
CA LYS B 410 28.54 12.23 6.32
C LYS B 410 27.19 11.49 6.45
N PRO B 411 26.31 11.60 5.44
CA PRO B 411 25.00 10.93 5.54
C PRO B 411 25.07 9.42 5.26
N ARG B 412 24.06 8.69 5.75
CA ARG B 412 23.91 7.26 5.44
C ARG B 412 25.19 6.49 5.78
N ARG B 413 25.75 6.77 6.95
CA ARG B 413 26.93 6.06 7.47
C ARG B 413 26.63 5.34 8.77
N ARG B 414 25.41 5.48 9.30
CA ARG B 414 25.05 4.86 10.57
C ARG B 414 23.91 3.87 10.38
N LEU B 415 24.12 2.64 10.84
CA LEU B 415 23.11 1.55 10.73
C LEU B 415 22.95 0.89 12.08
N ASP B 416 21.72 0.87 12.61
CA ASP B 416 21.51 0.34 13.95
C ASP B 416 20.20 -0.49 14.08
N CYS B 417 19.80 -0.77 15.32
CA CYS B 417 18.64 -1.64 15.65
C CYS B 417 17.31 -1.20 15.02
N GLY B 418 17.19 0.09 14.72
CA GLY B 418 16.04 0.61 13.97
C GLY B 418 14.70 0.53 14.66
N THR B 419 13.64 0.58 13.85
CA THR B 419 12.29 0.75 14.33
C THR B 419 11.78 -0.36 15.28
N TRP B 420 12.21 -1.59 15.00
CA TRP B 420 11.81 -2.73 15.83
C TRP B 420 12.81 -3.07 16.93
N GLY B 421 13.89 -2.27 17.08
CA GLY B 421 14.87 -2.52 18.14
C GLY B 421 15.50 -3.91 18.08
N VAL B 422 15.83 -4.37 16.87
CA VAL B 422 16.31 -5.75 16.69
C VAL B 422 17.76 -5.89 17.16
N MET B 423 18.01 -6.79 18.11
CA MET B 423 19.40 -7.25 18.35
C MET B 423 19.68 -8.36 17.33
N GLY B 424 20.81 -8.26 16.65
CA GLY B 424 21.22 -9.26 15.69
C GLY B 424 21.46 -8.73 14.31
N ILE B 425 21.34 -7.42 14.14
CA ILE B 425 21.57 -6.80 12.83
C ILE B 425 23.05 -6.48 12.58
N GLY B 426 23.89 -6.59 13.60
CA GLY B 426 25.25 -6.07 13.54
C GLY B 426 26.10 -6.63 12.42
N MET B 427 26.26 -7.96 12.37
CA MET B 427 27.19 -8.52 11.38
C MET B 427 26.67 -8.41 9.97
N GLY B 428 25.36 -8.62 9.77
CA GLY B 428 24.75 -8.45 8.47
C GLY B 428 24.89 -7.03 7.93
N TYR B 429 24.57 -6.05 8.78
CA TYR B 429 24.67 -4.63 8.39
C TYR B 429 26.15 -4.31 8.07
N ALA B 430 27.08 -4.80 8.89
CA ALA B 430 28.53 -4.60 8.60
C ALA B 430 28.95 -5.19 7.25
N ILE B 431 28.55 -6.43 6.99
CA ILE B 431 28.85 -7.10 5.72
C ILE B 431 28.19 -6.36 4.54
N GLY B 432 26.91 -6.04 4.66
CA GLY B 432 26.25 -5.28 3.60
C GLY B 432 26.88 -3.91 3.33
N ALA B 433 27.19 -3.19 4.40
CA ALA B 433 27.85 -1.86 4.30
C ALA B 433 29.22 -1.99 3.63
N SER B 434 30.02 -2.95 4.09
CA SER B 434 31.36 -3.14 3.56
C SER B 434 31.38 -3.54 2.10
N VAL B 435 30.55 -4.52 1.74
CA VAL B 435 30.45 -4.98 0.35
C VAL B 435 29.94 -3.87 -0.57
N THR B 436 28.90 -3.16 -0.11
CA THR B 436 28.30 -2.11 -0.92
C THR B 436 29.24 -0.93 -1.17
N SER B 437 29.95 -0.50 -0.13
CA SER B 437 30.76 0.72 -0.19
C SER B 437 32.23 0.50 -0.56
N GLY B 438 32.76 -0.68 -0.26
CA GLY B 438 34.22 -0.88 -0.33
C GLY B 438 35.01 -0.16 0.76
N SER B 439 34.30 0.36 1.76
CA SER B 439 34.88 1.14 2.86
C SER B 439 34.96 0.35 4.16
N PRO B 440 35.84 0.79 5.09
CA PRO B 440 35.92 0.08 6.39
C PRO B 440 34.68 0.30 7.22
N VAL B 441 34.38 -0.66 8.08
CA VAL B 441 33.23 -0.59 8.94
C VAL B 441 33.70 -0.75 10.36
N VAL B 442 33.11 0.05 11.23
CA VAL B 442 33.29 -0.12 12.65
C VAL B 442 31.94 -0.53 13.26
N ALA B 443 31.91 -1.69 13.89
CA ALA B 443 30.67 -2.14 14.51
C ALA B 443 30.80 -2.03 16.01
N ILE B 444 30.06 -1.08 16.60
CA ILE B 444 30.06 -0.95 18.06
C ILE B 444 28.93 -1.80 18.65
N GLU B 445 29.32 -2.91 19.29
CA GLU B 445 28.39 -3.98 19.69
C GLU B 445 28.31 -4.19 21.18
N GLY B 446 27.10 -4.26 21.70
CA GLY B 446 26.87 -4.81 23.03
C GLY B 446 27.27 -6.28 23.01
N ASP B 447 27.62 -6.83 24.16
CA ASP B 447 28.04 -8.24 24.18
C ASP B 447 26.86 -9.21 23.96
N SER B 448 25.71 -8.93 24.56
CA SER B 448 24.50 -9.70 24.23
C SER B 448 24.15 -9.52 22.74
N ALA B 449 23.99 -8.28 22.30
CA ALA B 449 23.69 -8.02 20.90
C ALA B 449 24.59 -8.81 19.95
N PHE B 450 25.90 -8.79 20.19
CA PHE B 450 26.85 -9.50 19.32
C PHE B 450 26.51 -10.99 19.15
N GLY B 451 26.07 -11.63 20.23
CA GLY B 451 25.79 -13.05 20.24
C GLY B 451 24.69 -13.50 19.28
N PHE B 452 23.86 -12.55 18.85
CA PHE B 452 22.77 -12.88 17.91
C PHE B 452 23.23 -13.15 16.47
N SER B 453 24.42 -12.67 16.09
CA SER B 453 24.91 -12.88 14.74
C SER B 453 26.41 -13.19 14.69
N GLY B 454 26.97 -13.54 15.84
CA GLY B 454 28.43 -13.61 16.00
C GLY B 454 29.17 -14.60 15.11
N MET B 455 28.51 -15.69 14.67
CA MET B 455 29.18 -16.62 13.76
C MET B 455 29.56 -16.01 12.42
N GLU B 456 28.95 -14.87 12.06
CA GLU B 456 29.24 -14.24 10.78
C GLU B 456 30.64 -13.62 10.74
N ILE B 457 31.33 -13.63 11.88
CA ILE B 457 32.75 -13.26 11.85
C ILE B 457 33.53 -14.15 10.86
N GLU B 458 33.11 -15.42 10.70
CA GLU B 458 33.75 -16.28 9.71
C GLU B 458 33.48 -15.79 8.29
N THR B 459 32.27 -15.30 8.05
CA THR B 459 31.93 -14.70 6.78
C THR B 459 32.79 -13.47 6.46
N ILE B 460 32.93 -12.59 7.44
CA ILE B 460 33.80 -11.41 7.36
C ILE B 460 35.23 -11.84 6.98
N CYS B 461 35.76 -12.87 7.65
CA CYS B 461 37.11 -13.37 7.33
C CYS B 461 37.20 -14.03 5.94
N ARG B 462 36.18 -14.82 5.58
CA ARG B 462 36.15 -15.52 4.31
C ARG B 462 36.25 -14.55 3.12
N TYR B 463 35.66 -13.37 3.27
CA TYR B 463 35.66 -12.38 2.21
C TYR B 463 36.68 -11.26 2.44
N ASN B 464 37.49 -11.40 3.50
CA ASN B 464 38.52 -10.40 3.85
C ASN B 464 37.98 -8.98 3.97
N LEU B 465 36.85 -8.84 4.66
CA LEU B 465 36.16 -7.54 4.73
C LEU B 465 36.73 -6.70 5.85
N PRO B 466 36.92 -5.39 5.59
CA PRO B 466 37.51 -4.47 6.57
C PRO B 466 36.55 -4.07 7.70
N VAL B 467 36.18 -5.05 8.53
CA VAL B 467 35.25 -4.80 9.62
C VAL B 467 36.01 -4.93 10.94
N THR B 468 35.91 -3.88 11.76
CA THR B 468 36.41 -3.89 13.12
C THR B 468 35.21 -3.93 14.06
N ILE B 469 35.12 -5.02 14.81
CA ILE B 469 34.02 -5.24 15.74
C ILE B 469 34.50 -4.88 17.15
N VAL B 470 33.90 -3.83 17.70
CA VAL B 470 34.22 -3.33 19.03
C VAL B 470 33.14 -3.76 20.00
N ILE B 471 33.44 -4.74 20.83
CA ILE B 471 32.43 -5.30 21.73
C ILE B 471 32.58 -4.72 23.13
N PHE B 472 31.51 -4.03 23.56
CA PHE B 472 31.42 -3.49 24.90
C PHE B 472 31.04 -4.60 25.87
N ASN B 473 32.08 -5.24 26.42
CA ASN B 473 31.88 -6.42 27.24
C ASN B 473 31.67 -6.05 28.70
N ASN B 474 30.40 -5.85 29.08
CA ASN B 474 30.04 -5.60 30.47
C ASN B 474 29.54 -6.87 31.16
N GLY B 475 29.65 -8.00 30.45
CA GLY B 475 29.33 -9.30 31.05
C GLY B 475 27.84 -9.60 31.10
N GLY B 476 27.07 -8.94 30.23
CA GLY B 476 25.67 -9.32 30.11
C GLY B 476 24.70 -8.36 29.47
N ILE B 477 23.42 -8.66 29.67
CA ILE B 477 22.31 -7.89 29.09
C ILE B 477 22.01 -6.70 30.01
N TYR B 478 22.34 -5.50 29.52
CA TYR B 478 22.24 -4.22 30.27
C TYR B 478 23.35 -4.05 31.31
N ARG B 479 23.50 -5.05 32.18
CA ARG B 479 24.51 -5.08 33.23
C ARG B 479 25.08 -6.50 33.40
N GLY B 480 26.20 -6.60 34.12
CA GLY B 480 26.84 -7.89 34.32
C GLY B 480 26.93 -8.26 35.80
N ASP B 481 26.20 -7.54 36.65
CA ASP B 481 26.26 -7.76 38.09
C ASP B 481 24.98 -8.34 38.69
N GLY B 482 24.26 -9.12 37.88
CA GLY B 482 23.04 -9.74 38.35
C GLY B 482 23.32 -10.82 39.38
N VAL B 483 22.31 -11.12 40.20
CA VAL B 483 22.42 -12.18 41.21
C VAL B 483 21.20 -13.09 41.08
N ASP B 484 21.44 -14.40 41.19
CA ASP B 484 20.36 -15.39 41.27
C ASP B 484 19.64 -15.21 42.61
N LEU B 485 18.39 -14.74 42.53
CA LEU B 485 17.61 -14.40 43.70
C LEU B 485 17.17 -15.59 44.56
N SER B 486 17.37 -16.80 44.05
CA SER B 486 17.06 -18.00 44.85
C SER B 486 18.14 -18.30 45.89
N GLY B 487 19.33 -17.77 45.67
CA GLY B 487 20.49 -18.05 46.51
C GLY B 487 21.33 -19.21 46.00
N ALA B 488 20.88 -19.85 44.92
CA ALA B 488 21.57 -21.02 44.38
C ALA B 488 22.89 -20.74 43.67
N GLY B 489 23.17 -19.47 43.37
CA GLY B 489 24.44 -19.09 42.74
C GLY B 489 24.53 -19.35 41.24
N ALA B 490 23.39 -19.57 40.59
CA ALA B 490 23.37 -19.71 39.14
C ALA B 490 23.56 -18.37 38.45
N PRO B 491 23.94 -18.36 37.15
CA PRO B 491 23.95 -17.06 36.48
C PRO B 491 22.54 -16.47 36.50
N SER B 492 22.42 -15.16 36.70
CA SER B 492 21.09 -14.52 36.65
C SER B 492 20.64 -14.47 35.19
N PRO B 493 19.34 -14.20 34.94
CA PRO B 493 18.88 -14.21 33.54
C PRO B 493 19.56 -13.21 32.61
N THR B 494 20.23 -12.19 33.16
CA THR B 494 20.91 -11.19 32.33
C THR B 494 22.43 -11.36 32.26
N ASP B 495 22.96 -12.31 33.03
CA ASP B 495 24.42 -12.51 33.06
C ASP B 495 24.92 -13.34 31.90
N LEU B 496 26.02 -12.92 31.31
CA LEU B 496 26.73 -13.74 30.36
C LEU B 496 28.01 -14.24 31.08
N LEU B 497 28.80 -15.09 30.41
CA LEU B 497 29.99 -15.65 31.04
C LEU B 497 30.91 -14.54 31.54
N HIS B 498 31.31 -14.63 32.80
CA HIS B 498 32.24 -13.68 33.43
C HIS B 498 33.55 -13.63 32.66
N HIS B 499 33.88 -12.45 32.17
CA HIS B 499 35.16 -12.17 31.50
C HIS B 499 35.46 -13.03 30.30
N ALA B 500 34.43 -13.27 29.48
CA ALA B 500 34.61 -13.86 28.16
C ALA B 500 35.57 -13.01 27.35
N ARG B 501 36.35 -13.67 26.50
CA ARG B 501 37.31 -13.00 25.65
C ARG B 501 36.94 -13.14 24.19
N TYR B 502 35.96 -12.33 23.77
CA TYR B 502 35.46 -12.40 22.40
C TYR B 502 36.52 -12.20 21.34
N ASP B 503 37.58 -11.47 21.65
CA ASP B 503 38.67 -11.28 20.70
C ASP B 503 39.29 -12.62 20.27
N LYS B 504 39.28 -13.58 21.18
CA LYS B 504 39.87 -14.89 20.88
C LYS B 504 39.10 -15.68 19.82
N LEU B 505 37.83 -15.34 19.60
CA LEU B 505 37.06 -16.00 18.53
C LEU B 505 37.72 -15.90 17.16
N MET B 506 38.42 -14.79 16.90
CA MET B 506 39.01 -14.58 15.60
C MET B 506 40.14 -15.57 15.28
N ASP B 507 40.72 -16.18 16.32
CA ASP B 507 41.76 -17.18 16.14
C ASP B 507 41.31 -18.33 15.25
N ALA B 508 40.05 -18.74 15.42
CA ALA B 508 39.48 -19.84 14.65
C ALA B 508 39.49 -19.56 13.15
N PHE B 509 39.43 -18.28 12.77
CA PHE B 509 39.28 -17.91 11.37
C PHE B 509 40.42 -17.04 10.85
N ARG B 510 41.51 -16.99 11.63
CA ARG B 510 42.74 -16.27 11.24
C ARG B 510 42.53 -14.74 11.12
N GLY B 511 41.60 -14.24 11.93
CA GLY B 511 41.39 -12.80 12.06
C GLY B 511 42.25 -12.25 13.18
N VAL B 512 42.07 -10.96 13.48
CA VAL B 512 42.81 -10.27 14.52
C VAL B 512 41.95 -10.03 15.75
N GLY B 513 42.57 -10.20 16.93
CA GLY B 513 41.91 -9.91 18.19
C GLY B 513 42.73 -9.00 19.08
N TYR B 514 42.04 -8.09 19.77
CA TYR B 514 42.61 -7.24 20.81
C TYR B 514 41.75 -7.28 22.04
N ASN B 515 42.38 -7.39 23.21
CA ASN B 515 41.68 -7.19 24.46
C ASN B 515 42.09 -5.84 25.02
N VAL B 516 41.13 -4.99 25.36
CA VAL B 516 41.46 -3.64 25.88
C VAL B 516 40.77 -3.29 27.20
N THR B 517 41.52 -2.65 28.09
CA THR B 517 41.02 -2.32 29.41
C THR B 517 41.15 -0.82 29.71
N THR B 518 41.88 -0.10 28.88
CA THR B 518 42.10 1.35 29.08
C THR B 518 41.79 2.12 27.80
N THR B 519 41.56 3.43 27.93
CA THR B 519 41.34 4.28 26.77
C THR B 519 42.53 4.29 25.81
N ASP B 520 43.76 4.31 26.33
CA ASP B 520 44.93 4.27 25.46
C ASP B 520 44.96 2.98 24.62
N GLU B 521 44.68 1.86 25.25
CA GLU B 521 44.67 0.58 24.54
C GLU B 521 43.56 0.57 23.48
N LEU B 522 42.38 1.07 23.86
CA LEU B 522 41.23 1.16 22.94
C LEU B 522 41.55 2.04 21.73
N ARG B 523 42.10 3.23 21.96
CA ARG B 523 42.49 4.09 20.83
C ARG B 523 43.47 3.38 19.90
N HIS B 524 44.49 2.74 20.46
CA HIS B 524 45.47 2.05 19.63
C HIS B 524 44.87 0.89 18.82
N ALA B 525 44.09 0.05 19.49
CA ALA B 525 43.46 -1.12 18.85
C ALA B 525 42.52 -0.73 17.70
N LEU B 526 41.68 0.26 17.95
CA LEU B 526 40.70 0.71 16.95
C LEU B 526 41.36 1.41 15.76
N THR B 527 42.35 2.25 16.04
CA THR B 527 43.14 2.86 14.97
C THR B 527 43.79 1.80 14.10
N THR B 528 44.40 0.80 14.73
CA THR B 528 45.07 -0.26 13.97
C THR B 528 44.03 -1.07 13.17
N GLY B 529 42.93 -1.46 13.83
CA GLY B 529 41.82 -2.13 13.17
C GLY B 529 41.42 -1.48 11.86
N ILE B 530 41.05 -0.21 11.92
CA ILE B 530 40.58 0.52 10.74
C ILE B 530 41.65 0.60 9.65
N GLN B 531 42.86 1.01 10.04
CA GLN B 531 43.94 1.22 9.07
C GLN B 531 44.43 -0.07 8.41
N SER B 532 44.45 -1.16 9.17
CA SER B 532 44.90 -2.47 8.69
C SER B 532 43.97 -3.06 7.62
N ARG B 533 42.70 -2.67 7.67
CA ARG B 533 41.63 -3.22 6.80
C ARG B 533 41.41 -4.72 7.04
N LYS B 534 41.96 -5.23 8.15
CA LYS B 534 41.81 -6.65 8.51
C LYS B 534 40.59 -6.88 9.37
N PRO B 535 39.87 -8.01 9.16
CA PRO B 535 38.82 -8.41 10.11
C PRO B 535 39.37 -8.45 11.53
N THR B 536 38.76 -7.67 12.42
CA THR B 536 39.28 -7.51 13.77
C THR B 536 38.14 -7.51 14.80
N ILE B 537 38.35 -8.21 15.91
CA ILE B 537 37.53 -8.04 17.10
C ILE B 537 38.30 -7.34 18.23
N ILE B 538 37.71 -6.29 18.76
CA ILE B 538 38.23 -5.62 19.94
C ILE B 538 37.32 -5.89 21.12
N ASN B 539 37.84 -6.64 22.08
CA ASN B 539 37.10 -6.92 23.31
C ASN B 539 37.37 -5.82 24.34
N VAL B 540 36.36 -4.99 24.61
CA VAL B 540 36.47 -3.89 25.59
C VAL B 540 35.87 -4.28 26.94
N VAL B 541 36.71 -4.25 27.97
CA VAL B 541 36.27 -4.57 29.32
C VAL B 541 35.54 -3.37 29.92
N ILE B 542 34.24 -3.53 30.14
CA ILE B 542 33.38 -2.46 30.62
C ILE B 542 32.88 -2.83 32.01
N ASP B 543 32.84 -1.84 32.90
CA ASP B 543 32.35 -2.01 34.26
C ASP B 543 31.00 -2.71 34.20
N PRO B 544 30.89 -3.90 34.82
CA PRO B 544 29.59 -4.63 34.78
C PRO B 544 28.43 -3.85 35.39
N ALA B 545 28.75 -2.82 36.20
CA ALA B 545 27.70 -2.02 36.86
C ALA B 545 27.47 -0.65 36.23
N ALA B 546 28.12 -0.38 35.10
CA ALA B 546 28.00 0.92 34.44
C ALA B 546 26.64 1.16 33.76
N GLY B 547 26.07 0.12 33.18
CA GLY B 547 24.84 0.30 32.40
C GLY B 547 23.59 0.46 33.24
N THR B 548 22.51 0.85 32.59
CA THR B 548 21.17 0.86 33.18
C THR B 548 20.35 -0.22 32.49
N GLU B 549 19.47 -0.87 33.26
CA GLU B 549 18.49 -1.81 32.70
C GLU B 549 17.25 -1.06 32.26
N SER B 550 16.93 -1.17 30.97
CA SER B 550 15.75 -0.52 30.41
C SER B 550 14.45 -1.09 30.98
N GLY B 551 13.40 -0.29 30.94
CA GLY B 551 12.07 -0.76 31.31
C GLY B 551 11.54 -0.10 32.57
N HIS B 552 10.30 -0.43 32.90
CA HIS B 552 9.65 0.19 34.06
C HIS B 552 10.00 -0.51 35.36
N ILE B 553 10.24 0.29 36.39
CA ILE B 553 10.55 -0.21 37.73
C ILE B 553 9.24 -0.34 38.51
N THR B 554 8.97 -1.55 38.99
CA THR B 554 7.77 -1.82 39.77
C THR B 554 8.06 -1.87 41.28
#